data_3RJ0
#
_entry.id   3RJ0
#
_cell.length_a   175.170
_cell.length_b   67.236
_cell.length_c   119.246
_cell.angle_alpha   90.00
_cell.angle_beta   121.42
_cell.angle_gamma   90.00
#
_symmetry.space_group_name_H-M   'C 1 2 1'
#
loop_
_entity.id
_entity.type
_entity.pdbx_description
1 polymer 'Protein BRASSINOSTEROID INSENSITIVE 1'
2 branched alpha-D-mannopyranose-(1-3)-beta-D-mannopyranose-(1-4)-2-acetamido-2-deoxy-beta-D-glucopyranose-(1-4)-2-acetamido-2-deoxy-beta-D-glucopyranose
3 non-polymer 2-acetamido-2-deoxy-beta-D-glucopyranose
4 non-polymer Brassinolide
5 water water
#
_entity_poly.entity_id   1
_entity_poly.type   'polypeptide(L)'
_entity_poly.pdbx_seq_one_letter_code
;AMGSQSLYREIHQLISFKDVLPDKNLLPDWSSNKNPCTFDGVTCRDDKVTSIDLSSKPLNVGFSAVSSSLLSLTGLESLF
LSNSHINGSVSGFKCSASLTSLDLSRNSLSGPVTTLTSLGSCSGLKFLNVSSNTLDFPGKVSGGLKLNSLEVLDLSANSI
SGANVVGWVLSDGCGELKHLAISGNKISGDVDVSRCVNLEFLDVSSNNFSTGIPFLGDCSALQHLDISGNKLSGDFSRAI
STCTELKLLNISSNQFVGPIPPLPLKSLQYLSLAENKFTGEIPDFLSGACDTLTGLDLSGNHFYGAVPPFFGSCSLLESL
ALSSNNFSGELPMDTLLKMRGLKVLDLSFNEFSGELPESLTNLSASLLTLDLSSNNFSGPILPNLCQNPKNTLQELYLQN
NGFTGKIPPTLSNCSELVSLHLSFNYLSGTIPSSLGSLSKLRDLKLWLNMLEGEIPQELMYVKTLETLILDFNDLTGEIP
SGLSNCTNLNWISLSNNRLTGEIPKWIGRLENLAILKLSNNSFSGNIPAELGDCRSLIWLDLNTNLFNGTIPAAMFKQSG
KIAANFIAGKRYVYIKNDGMKKECHGAGNLLEFQGIRSEQLNRLSTRNPCNITSRVYGGHTSPTFDNNGSMMFLDMSYNM
LSGYIPKEIGSMPYLFILNLGHNDISGSIPDEVGDLRGLNILDLSSNKLDGRIPQAMSALTMLTEIDLSNNNLSGPIPEM
GQFETFPPAKFLNNPGLCGYPLPRCDPSNADGYAHHQRSHGRRLENLYFQGA
;
_entity_poly.pdbx_strand_id   A
#
loop_
_chem_comp.id
_chem_comp.type
_chem_comp.name
_chem_comp.formula
BLD non-polymer Brassinolide 'C28 H48 O6'
BMA D-saccharide, beta linking beta-D-mannopyranose 'C6 H12 O6'
MAN D-saccharide, alpha linking alpha-D-mannopyranose 'C6 H12 O6'
NAG D-saccharide, beta linking 2-acetamido-2-deoxy-beta-D-glucopyranose 'C8 H15 N O6'
#
# COMPACT_ATOMS: atom_id res chain seq x y z
N SER A 4 -30.48 46.38 3.69
CA SER A 4 -29.21 47.10 3.73
C SER A 4 -28.50 47.04 2.37
N GLN A 5 -27.28 47.56 2.34
CA GLN A 5 -26.44 47.48 1.16
C GLN A 5 -25.68 46.16 1.14
N SER A 6 -25.10 45.80 2.28
CA SER A 6 -24.32 44.57 2.37
C SER A 6 -25.10 43.35 1.92
N LEU A 7 -26.44 43.42 2.01
CA LEU A 7 -27.29 42.33 1.53
C LEU A 7 -27.33 42.34 0.01
N TYR A 8 -27.60 43.51 -0.56
CA TYR A 8 -27.49 43.76 -1.99
C TYR A 8 -26.09 43.36 -2.48
N ARG A 9 -25.07 43.71 -1.70
CA ARG A 9 -23.69 43.43 -2.07
C ARG A 9 -23.34 41.96 -1.90
N GLU A 10 -23.94 41.34 -0.90
CA GLU A 10 -23.71 39.92 -0.61
C GLU A 10 -24.12 39.08 -1.81
N ILE A 11 -25.36 39.25 -2.25
CA ILE A 11 -25.90 38.47 -3.35
C ILE A 11 -25.13 38.70 -4.68
N HIS A 12 -24.82 39.95 -5.01
CA HIS A 12 -24.05 40.27 -6.22
C HIS A 12 -22.62 39.71 -6.22
N GLN A 13 -21.98 39.67 -5.05
CA GLN A 13 -20.65 39.11 -4.94
C GLN A 13 -20.65 37.60 -5.11
N LEU A 14 -21.64 36.94 -4.52
CA LEU A 14 -21.75 35.49 -4.58
C LEU A 14 -22.03 35.03 -6.02
N ILE A 15 -22.96 35.74 -6.67
CA ILE A 15 -23.31 35.42 -8.04
C ILE A 15 -22.21 35.76 -9.05
N SER A 16 -21.38 36.75 -8.76
CA SER A 16 -20.27 37.03 -9.65
C SER A 16 -19.25 35.90 -9.55
N PHE A 17 -19.06 35.37 -8.35
CA PHE A 17 -18.24 34.18 -8.16
C PHE A 17 -18.77 32.99 -8.95
N LYS A 18 -20.04 32.66 -8.78
CA LYS A 18 -20.65 31.58 -9.56
C LYS A 18 -20.35 31.76 -11.05
N ASP A 19 -20.57 32.98 -11.54
CA ASP A 19 -20.46 33.28 -12.95
C ASP A 19 -19.06 33.11 -13.57
N VAL A 20 -17.99 33.16 -12.78
CA VAL A 20 -16.64 32.98 -13.30
CA VAL A 20 -16.66 32.96 -13.35
C VAL A 20 -16.21 31.51 -13.28
N LEU A 21 -17.11 30.63 -12.89
CA LEU A 21 -16.88 29.18 -12.87
C LEU A 21 -17.05 28.54 -14.24
N PRO A 22 -16.07 27.72 -14.64
CA PRO A 22 -16.10 27.09 -15.97
C PRO A 22 -17.29 26.16 -16.11
N ASP A 23 -17.66 25.51 -15.01
CA ASP A 23 -18.83 24.64 -14.98
C ASP A 23 -19.87 25.25 -14.03
N LYS A 24 -20.67 26.18 -14.55
CA LYS A 24 -21.61 26.90 -13.69
C LYS A 24 -22.65 25.96 -13.04
N ASN A 25 -22.90 24.83 -13.69
CA ASN A 25 -23.80 23.80 -13.16
C ASN A 25 -23.41 23.33 -11.74
N LEU A 26 -22.35 23.91 -11.20
CA LEU A 26 -21.81 23.50 -9.90
C LEU A 26 -22.58 24.12 -8.74
N LEU A 27 -23.15 25.28 -8.98
CA LEU A 27 -23.91 25.98 -7.97
C LEU A 27 -25.27 26.30 -8.57
N PRO A 28 -26.01 25.25 -8.93
CA PRO A 28 -27.23 25.39 -9.72
C PRO A 28 -28.34 26.10 -8.94
N ASP A 29 -28.30 26.07 -7.62
CA ASP A 29 -29.36 26.71 -6.83
C ASP A 29 -29.02 28.13 -6.39
N TRP A 30 -27.75 28.52 -6.58
CA TRP A 30 -27.38 29.92 -6.42
C TRP A 30 -28.02 30.71 -7.56
N SER A 31 -28.62 31.85 -7.25
CA SER A 31 -29.08 32.74 -8.30
C SER A 31 -29.44 34.12 -7.78
N SER A 32 -29.40 35.11 -8.66
CA SER A 32 -29.71 36.48 -8.31
C SER A 32 -31.18 36.55 -7.96
N ASN A 33 -31.53 37.50 -7.10
CA ASN A 33 -32.93 37.69 -6.68
C ASN A 33 -33.51 36.52 -5.86
N LYS A 34 -32.62 35.77 -5.24
CA LYS A 34 -32.98 34.74 -4.29
C LYS A 34 -32.10 34.98 -3.05
N ASN A 35 -32.57 34.61 -1.86
CA ASN A 35 -31.78 34.82 -0.61
C ASN A 35 -30.66 33.79 -0.46
N PRO A 36 -29.41 34.27 -0.37
CA PRO A 36 -28.22 33.40 -0.22
C PRO A 36 -28.35 32.38 0.92
N CYS A 37 -29.13 32.68 1.95
CA CYS A 37 -29.30 31.75 3.07
C CYS A 37 -30.01 30.45 2.68
N THR A 38 -30.56 30.40 1.48
CA THR A 38 -31.17 29.18 0.96
C THR A 38 -30.21 28.40 0.07
N PHE A 39 -28.97 28.90 -0.07
CA PHE A 39 -28.01 28.31 -1.02
C PHE A 39 -27.30 27.11 -0.44
N ASP A 40 -27.14 26.08 -1.26
CA ASP A 40 -26.33 24.96 -0.89
C ASP A 40 -24.89 25.48 -0.77
N GLY A 41 -24.20 25.10 0.30
CA GLY A 41 -22.85 25.57 0.58
C GLY A 41 -22.81 26.70 1.59
N VAL A 42 -23.95 27.36 1.81
CA VAL A 42 -24.02 28.52 2.68
C VAL A 42 -24.53 28.20 4.09
N THR A 43 -23.89 28.80 5.09
CA THR A 43 -24.39 28.81 6.45
C THR A 43 -24.81 30.23 6.82
N CYS A 44 -26.03 30.35 7.32
CA CYS A 44 -26.57 31.64 7.75
C CYS A 44 -26.96 31.63 9.23
N ARG A 45 -26.77 32.76 9.89
CA ARG A 45 -27.27 32.97 11.23
CA ARG A 45 -27.33 32.95 11.21
C ARG A 45 -28.06 34.28 11.29
N ASP A 46 -29.35 34.20 11.62
CA ASP A 46 -30.20 35.40 11.64
C ASP A 46 -30.30 36.06 10.27
N ASP A 47 -30.35 35.24 9.22
CA ASP A 47 -30.53 35.75 7.87
C ASP A 47 -29.28 36.40 7.30
N LYS A 48 -28.13 36.13 7.92
CA LYS A 48 -26.86 36.66 7.41
C LYS A 48 -25.84 35.56 7.20
N VAL A 49 -25.14 35.62 6.07
CA VAL A 49 -24.12 34.64 5.74
C VAL A 49 -22.96 34.69 6.73
N THR A 50 -22.61 33.54 7.29
CA THR A 50 -21.51 33.47 8.24
C THR A 50 -20.44 32.47 7.80
N SER A 51 -20.76 31.62 6.83
CA SER A 51 -19.83 30.59 6.43
C SER A 51 -20.18 30.04 5.04
N ILE A 52 -19.14 29.68 4.28
CA ILE A 52 -19.32 29.09 2.96
C ILE A 52 -18.43 27.88 2.87
N ASP A 53 -18.99 26.77 2.38
CA ASP A 53 -18.26 25.53 2.29
C ASP A 53 -18.47 24.94 0.91
N LEU A 54 -17.50 25.19 0.02
CA LEU A 54 -17.56 24.71 -1.36
C LEU A 54 -16.50 23.62 -1.60
N SER A 55 -16.10 22.95 -0.51
CA SER A 55 -15.10 21.89 -0.51
C SER A 55 -15.46 20.70 -1.40
N SER A 56 -14.45 20.07 -2.00
CA SER A 56 -14.69 18.89 -2.84
C SER A 56 -15.58 19.16 -4.06
N LYS A 57 -15.67 20.42 -4.46
CA LYS A 57 -16.31 20.75 -5.71
C LYS A 57 -15.22 21.29 -6.62
N PRO A 58 -15.19 20.82 -7.87
CA PRO A 58 -14.14 21.19 -8.82
C PRO A 58 -14.39 22.57 -9.41
N LEU A 59 -14.25 23.62 -8.61
CA LEU A 59 -14.56 24.97 -9.03
C LEU A 59 -13.66 25.44 -10.18
N ASN A 60 -12.43 24.95 -10.17
CA ASN A 60 -11.49 25.20 -11.26
C ASN A 60 -11.32 26.67 -11.55
N VAL A 61 -11.04 27.44 -10.50
CA VAL A 61 -10.82 28.86 -10.66
C VAL A 61 -9.59 29.25 -9.84
N GLY A 62 -9.14 30.49 -9.95
CA GLY A 62 -7.94 30.94 -9.27
C GLY A 62 -8.21 31.70 -7.98
N PHE A 63 -7.19 31.79 -7.14
CA PHE A 63 -7.34 32.42 -5.82
C PHE A 63 -7.94 33.83 -5.91
N SER A 64 -7.59 34.55 -6.97
CA SER A 64 -8.06 35.92 -7.15
C SER A 64 -9.58 35.99 -7.25
N ALA A 65 -10.18 34.95 -7.82
CA ALA A 65 -11.62 34.87 -7.89
C ALA A 65 -12.17 34.71 -6.47
N VAL A 66 -11.43 33.97 -5.64
CA VAL A 66 -11.87 33.73 -4.28
C VAL A 66 -11.76 34.99 -3.45
N SER A 67 -10.59 35.62 -3.48
CA SER A 67 -10.34 36.78 -2.62
C SER A 67 -11.16 38.01 -3.03
N SER A 68 -11.50 38.10 -4.31
CA SER A 68 -12.26 39.26 -4.79
C SER A 68 -13.75 39.10 -4.51
N SER A 69 -14.28 37.90 -4.72
CA SER A 69 -15.71 37.64 -4.47
C SER A 69 -16.05 37.23 -3.03
N LEU A 70 -15.33 36.26 -2.48
CA LEU A 70 -15.71 35.62 -1.23
C LEU A 70 -15.08 36.20 0.04
N LEU A 71 -13.77 36.38 0.06
CA LEU A 71 -13.08 36.77 1.30
C LEU A 71 -13.41 38.19 1.76
N SER A 72 -14.08 38.95 0.89
CA SER A 72 -14.41 40.35 1.15
C SER A 72 -15.86 40.54 1.64
N LEU A 73 -16.65 39.46 1.63
CA LEU A 73 -18.02 39.51 2.12
C LEU A 73 -18.07 40.00 3.56
N THR A 74 -18.88 41.01 3.82
CA THR A 74 -19.08 41.49 5.17
C THR A 74 -19.66 40.35 6.03
N GLY A 75 -19.04 40.12 7.19
CA GLY A 75 -19.59 39.17 8.15
C GLY A 75 -19.21 37.72 7.98
N LEU A 76 -18.65 37.34 6.82
CA LEU A 76 -18.15 35.97 6.62
C LEU A 76 -17.17 35.59 7.73
N GLU A 77 -17.41 34.46 8.38
CA GLU A 77 -16.61 34.05 9.53
C GLU A 77 -15.63 32.93 9.17
N SER A 78 -16.05 32.06 8.25
CA SER A 78 -15.21 30.95 7.85
C SER A 78 -15.44 30.58 6.39
N LEU A 79 -14.36 30.26 5.69
CA LEU A 79 -14.42 29.86 4.29
C LEU A 79 -13.71 28.53 4.14
N PHE A 80 -14.45 27.51 3.74
CA PHE A 80 -13.88 26.18 3.57
C PHE A 80 -13.86 25.83 2.09
N LEU A 81 -12.66 25.70 1.54
CA LEU A 81 -12.46 25.41 0.13
C LEU A 81 -11.39 24.32 -0.06
N SER A 82 -11.45 23.29 0.78
CA SER A 82 -10.52 22.19 0.62
C SER A 82 -10.88 21.40 -0.63
N ASN A 83 -9.86 21.02 -1.39
CA ASN A 83 -10.02 20.14 -2.52
C ASN A 83 -11.01 20.68 -3.55
N SER A 84 -10.81 21.94 -3.92
CA SER A 84 -11.77 22.67 -4.71
C SER A 84 -11.21 23.11 -6.05
N HIS A 85 -10.00 22.60 -6.35
CA HIS A 85 -9.31 22.91 -7.59
C HIS A 85 -9.15 24.40 -7.77
N ILE A 86 -8.52 25.02 -6.78
CA ILE A 86 -8.16 26.42 -6.83
C ILE A 86 -6.67 26.49 -7.13
N ASN A 87 -6.29 27.28 -8.13
CA ASN A 87 -4.88 27.40 -8.47
C ASN A 87 -4.43 28.84 -8.36
N GLY A 88 -3.23 29.14 -8.85
CA GLY A 88 -2.71 30.48 -8.76
C GLY A 88 -2.08 30.69 -7.40
N SER A 89 -1.93 31.94 -6.99
CA SER A 89 -1.33 32.20 -5.69
C SER A 89 -1.95 33.38 -4.95
N VAL A 90 -1.77 33.37 -3.63
CA VAL A 90 -2.26 34.43 -2.77
C VAL A 90 -1.51 35.74 -3.05
N SER A 91 -2.28 36.83 -3.11
CA SER A 91 -1.72 38.17 -3.21
C SER A 91 -2.55 39.11 -2.35
N GLY A 92 -2.18 40.38 -2.31
CA GLY A 92 -2.85 41.36 -1.48
C GLY A 92 -4.31 41.56 -1.88
N PHE A 93 -5.17 41.72 -0.89
CA PHE A 93 -6.59 41.95 -1.14
C PHE A 93 -7.26 42.53 0.10
N LYS A 94 -8.47 43.06 -0.04
CA LYS A 94 -9.21 43.56 1.10
C LYS A 94 -9.92 42.39 1.78
N CYS A 95 -9.71 42.23 3.08
CA CYS A 95 -10.24 41.08 3.80
C CYS A 95 -11.13 41.52 4.97
N SER A 96 -12.26 40.85 5.15
CA SER A 96 -13.17 41.25 6.23
C SER A 96 -12.63 40.87 7.62
N ALA A 97 -12.88 41.73 8.60
CA ALA A 97 -12.32 41.56 9.93
C ALA A 97 -13.02 40.45 10.72
N SER A 98 -14.10 39.93 10.17
CA SER A 98 -14.85 38.89 10.85
C SER A 98 -14.28 37.51 10.52
N LEU A 99 -13.55 37.41 9.41
CA LEU A 99 -13.03 36.12 8.95
C LEU A 99 -12.03 35.51 9.94
N THR A 100 -12.34 34.29 10.36
CA THR A 100 -11.68 33.62 11.46
C THR A 100 -10.97 32.34 11.02
N SER A 101 -11.53 31.66 10.02
CA SER A 101 -10.94 30.43 9.52
C SER A 101 -10.88 30.42 8.00
N LEU A 102 -9.72 30.05 7.49
CA LEU A 102 -9.55 29.84 6.06
C LEU A 102 -8.95 28.46 5.80
N ASP A 103 -9.70 27.61 5.13
CA ASP A 103 -9.18 26.30 4.74
C ASP A 103 -9.04 26.20 3.21
N LEU A 104 -7.79 26.25 2.76
CA LEU A 104 -7.47 26.17 1.33
C LEU A 104 -6.63 24.95 1.02
N SER A 105 -6.76 23.93 1.86
CA SER A 105 -5.94 22.74 1.77
C SER A 105 -6.27 21.91 0.52
N ARG A 106 -5.32 21.10 0.07
CA ARG A 106 -5.52 20.22 -1.07
C ARG A 106 -5.93 20.95 -2.36
N ASN A 107 -5.23 22.03 -2.66
CA ASN A 107 -5.47 22.74 -3.90
C ASN A 107 -4.21 22.77 -4.75
N SER A 108 -4.09 23.77 -5.61
CA SER A 108 -2.91 23.91 -6.44
C SER A 108 -2.32 25.30 -6.31
N LEU A 109 -2.40 25.86 -5.11
CA LEU A 109 -1.74 27.14 -4.84
C LEU A 109 -0.23 27.01 -5.08
N SER A 110 0.32 27.91 -5.89
CA SER A 110 1.75 27.86 -6.21
C SER A 110 2.45 29.14 -5.80
N GLY A 111 3.78 29.14 -5.84
CA GLY A 111 4.52 30.35 -5.53
C GLY A 111 5.21 30.28 -4.18
N PRO A 112 6.09 31.25 -3.90
CA PRO A 112 6.87 31.21 -2.66
C PRO A 112 5.93 31.36 -1.49
N VAL A 113 6.30 30.76 -0.36
CA VAL A 113 5.48 30.72 0.84
C VAL A 113 5.33 32.11 1.45
N THR A 114 6.14 33.06 0.99
CA THR A 114 6.05 34.45 1.42
C THR A 114 4.74 35.12 0.95
N THR A 115 4.01 34.48 0.04
CA THR A 115 2.74 35.05 -0.41
C THR A 115 1.69 35.05 0.70
N LEU A 116 1.79 34.07 1.61
CA LEU A 116 0.83 33.96 2.69
C LEU A 116 0.86 35.19 3.59
N THR A 117 2.02 35.83 3.67
CA THR A 117 2.14 37.01 4.51
C THR A 117 1.09 38.07 4.16
N SER A 118 0.56 38.01 2.95
CA SER A 118 -0.41 39.03 2.54
C SER A 118 -1.81 38.74 3.07
N LEU A 119 -1.97 37.60 3.75
CA LEU A 119 -3.23 37.24 4.40
C LEU A 119 -3.38 37.98 5.73
N GLY A 120 -2.44 38.88 6.01
CA GLY A 120 -2.51 39.68 7.21
C GLY A 120 -3.57 40.76 7.13
N SER A 121 -4.19 40.91 5.95
CA SER A 121 -5.30 41.84 5.77
C SER A 121 -6.45 41.38 6.67
N CYS A 122 -6.42 40.09 6.97
CA CYS A 122 -7.48 39.45 7.74
C CYS A 122 -7.19 39.57 9.23
N SER A 123 -7.47 40.74 9.80
CA SER A 123 -7.12 41.03 11.18
C SER A 123 -7.66 40.02 12.21
N GLY A 124 -8.72 39.31 11.85
CA GLY A 124 -9.29 38.33 12.75
C GLY A 124 -8.95 36.86 12.50
N LEU A 125 -8.14 36.59 11.47
CA LEU A 125 -7.75 35.22 11.10
C LEU A 125 -7.01 34.51 12.24
N LYS A 126 -7.51 33.34 12.63
CA LYS A 126 -6.93 32.59 13.73
C LYS A 126 -6.55 31.17 13.32
N PHE A 127 -7.15 30.69 12.23
CA PHE A 127 -6.99 29.31 11.80
C PHE A 127 -6.73 29.30 10.29
N LEU A 128 -5.60 28.72 9.89
CA LEU A 128 -5.21 28.70 8.48
C LEU A 128 -4.67 27.34 8.07
N ASN A 129 -5.34 26.70 7.12
CA ASN A 129 -4.90 25.43 6.55
C ASN A 129 -4.57 25.64 5.07
N VAL A 130 -3.29 25.50 4.70
CA VAL A 130 -2.91 25.51 3.29
C VAL A 130 -2.13 24.26 2.92
N SER A 131 -2.32 23.20 3.69
CA SER A 131 -1.62 21.96 3.44
C SER A 131 -1.99 21.36 2.09
N SER A 132 -1.15 20.46 1.59
CA SER A 132 -1.36 19.81 0.30
C SER A 132 -1.53 20.82 -0.84
N ASN A 133 -0.60 21.75 -0.92
CA ASN A 133 -0.43 22.57 -2.11
C ASN A 133 0.99 22.40 -2.67
N THR A 134 1.45 23.40 -3.42
CA THR A 134 2.82 23.38 -3.96
C THR A 134 3.54 24.69 -3.69
N LEU A 135 3.29 25.28 -2.52
CA LEU A 135 4.03 26.46 -2.10
C LEU A 135 5.46 26.03 -1.81
N ASP A 136 6.41 26.92 -2.09
CA ASP A 136 7.84 26.63 -1.87
C ASP A 136 8.59 27.77 -1.20
N PHE A 137 9.90 27.59 -1.01
CA PHE A 137 10.74 28.64 -0.46
C PHE A 137 12.03 28.77 -1.25
N PRO A 138 11.99 29.60 -2.31
CA PRO A 138 13.13 29.80 -3.20
C PRO A 138 14.27 30.53 -2.50
N GLY A 139 15.42 29.84 -2.42
CA GLY A 139 16.65 30.44 -1.96
C GLY A 139 16.72 30.87 -0.51
N LYS A 140 17.28 32.07 -0.31
CA LYS A 140 17.61 32.58 1.01
C LYS A 140 16.37 32.75 1.89
N VAL A 141 16.43 32.19 3.09
CA VAL A 141 15.33 32.32 4.04
C VAL A 141 15.52 33.54 4.95
N SER A 142 14.83 34.64 4.63
CA SER A 142 14.90 35.87 5.40
C SER A 142 13.50 36.46 5.66
N GLY A 143 13.41 37.36 6.64
CA GLY A 143 12.15 38.00 6.97
C GLY A 143 11.31 37.20 7.96
N GLY A 144 10.00 37.18 7.73
CA GLY A 144 9.08 36.46 8.60
C GLY A 144 7.72 36.30 7.95
N LEU A 145 6.93 35.34 8.43
CA LEU A 145 5.61 35.11 7.88
C LEU A 145 4.66 36.23 8.28
N LYS A 146 4.86 36.77 9.49
CA LYS A 146 4.07 37.90 9.96
C LYS A 146 2.57 37.60 10.08
N LEU A 147 2.26 36.42 10.59
CA LEU A 147 0.89 36.09 10.96
C LEU A 147 0.88 35.59 12.41
N ASN A 148 1.33 36.45 13.33
CA ASN A 148 1.45 36.08 14.75
C ASN A 148 0.14 36.06 15.53
N SER A 149 -0.98 36.29 14.83
CA SER A 149 -2.28 36.17 15.46
C SER A 149 -2.89 34.78 15.28
N LEU A 150 -2.24 33.94 14.47
CA LEU A 150 -2.73 32.58 14.23
C LEU A 150 -2.73 31.71 15.49
N GLU A 151 -3.74 30.86 15.61
CA GLU A 151 -3.77 29.89 16.67
C GLU A 151 -3.44 28.52 16.10
N VAL A 152 -3.77 28.34 14.83
CA VAL A 152 -3.57 27.09 14.11
C VAL A 152 -3.01 27.37 12.71
N LEU A 153 -1.84 26.80 12.43
CA LEU A 153 -1.21 26.96 11.12
C LEU A 153 -0.79 25.59 10.57
N ASP A 154 -1.27 25.26 9.39
CA ASP A 154 -0.92 23.99 8.75
C ASP A 154 -0.33 24.27 7.35
N LEU A 155 0.97 23.97 7.20
CA LEU A 155 1.65 24.09 5.92
C LEU A 155 2.19 22.76 5.43
N SER A 156 1.64 21.66 5.94
CA SER A 156 2.10 20.34 5.56
C SER A 156 1.92 20.02 4.08
N ALA A 157 2.70 19.05 3.59
CA ALA A 157 2.55 18.52 2.25
C ALA A 157 2.62 19.61 1.19
N ASN A 158 3.62 20.47 1.32
CA ASN A 158 3.89 21.43 0.28
C ASN A 158 5.20 21.10 -0.42
N SER A 159 5.84 22.11 -1.02
CA SER A 159 7.14 21.89 -1.65
C SER A 159 8.17 22.83 -1.05
N ILE A 160 8.09 22.99 0.27
CA ILE A 160 8.94 23.91 1.00
C ILE A 160 10.28 23.27 1.33
N SER A 161 11.31 23.67 0.59
CA SER A 161 12.66 23.17 0.77
C SER A 161 13.54 24.31 1.23
N GLY A 162 14.14 24.16 2.41
CA GLY A 162 14.93 25.23 2.98
C GLY A 162 15.33 24.97 4.42
N ALA A 163 16.27 25.77 4.91
CA ALA A 163 16.76 25.66 6.28
C ALA A 163 16.22 26.80 7.12
N ASN A 164 15.82 26.49 8.35
CA ASN A 164 15.29 27.48 9.28
C ASN A 164 14.03 28.18 8.80
N VAL A 165 13.21 27.44 8.06
CA VAL A 165 11.89 27.92 7.65
C VAL A 165 10.99 28.09 8.87
N VAL A 166 11.17 27.23 9.85
CA VAL A 166 10.42 27.34 11.10
C VAL A 166 10.69 28.66 11.82
N GLY A 167 11.95 29.08 11.86
CA GLY A 167 12.27 30.35 12.48
C GLY A 167 11.63 31.47 11.69
N TRP A 168 11.47 31.24 10.38
CA TRP A 168 10.86 32.22 9.50
C TRP A 168 9.37 32.36 9.80
N VAL A 169 8.74 31.21 10.03
CA VAL A 169 7.34 31.18 10.39
C VAL A 169 7.09 31.87 11.72
N LEU A 170 7.96 31.56 12.69
CA LEU A 170 7.80 32.05 14.06
C LEU A 170 8.45 33.41 14.33
N SER A 171 9.07 34.00 13.32
CA SER A 171 9.88 35.19 13.48
C SER A 171 9.19 36.35 14.22
N ASP A 172 7.98 36.70 13.80
CA ASP A 172 7.29 37.86 14.36
C ASP A 172 6.46 37.56 15.62
N GLY A 173 6.64 36.38 16.20
CA GLY A 173 5.91 36.03 17.41
C GLY A 173 5.04 34.79 17.28
N CYS A 174 4.84 34.11 18.40
CA CYS A 174 4.04 32.88 18.42
C CYS A 174 3.33 32.69 19.74
N GLY A 175 3.11 33.78 20.46
CA GLY A 175 2.41 33.76 21.72
C GLY A 175 1.00 33.21 21.63
N GLU A 176 0.36 33.44 20.49
CA GLU A 176 -0.99 32.92 20.24
C GLU A 176 -1.06 31.50 19.67
N LEU A 177 0.05 31.00 19.16
CA LEU A 177 0.05 29.73 18.42
C LEU A 177 -0.17 28.48 19.28
N LYS A 178 -1.15 27.67 18.90
CA LYS A 178 -1.47 26.47 19.65
C LYS A 178 -1.12 25.17 18.91
N HIS A 179 -1.11 25.23 17.59
CA HIS A 179 -1.00 24.05 16.75
C HIS A 179 -0.21 24.42 15.48
N LEU A 180 1.00 23.87 15.37
CA LEU A 180 1.85 24.06 14.20
C LEU A 180 2.12 22.72 13.52
N ALA A 181 1.72 22.63 12.25
CA ALA A 181 1.97 21.43 11.48
C ALA A 181 2.63 21.88 10.19
N ILE A 182 3.71 21.19 9.83
CA ILE A 182 4.47 21.52 8.63
CA ILE A 182 4.46 21.53 8.64
C ILE A 182 5.19 20.28 8.14
N SER A 183 4.52 19.14 8.23
CA SER A 183 5.11 17.88 7.84
C SER A 183 5.09 17.72 6.32
N GLY A 184 5.80 16.71 5.81
CA GLY A 184 5.76 16.42 4.39
C GLY A 184 6.33 17.51 3.51
N ASN A 185 7.38 18.15 4.01
CA ASN A 185 8.17 19.11 3.23
C ASN A 185 9.62 18.65 3.22
N LYS A 186 10.51 19.56 2.89
CA LYS A 186 11.95 19.27 2.91
C LYS A 186 12.66 20.36 3.72
N ILE A 187 12.18 20.56 4.94
CA ILE A 187 12.70 21.60 5.81
C ILE A 187 13.80 21.07 6.70
N SER A 188 14.84 21.88 6.86
CA SER A 188 15.98 21.47 7.70
C SER A 188 16.32 22.56 8.71
N GLY A 189 17.31 22.28 9.55
CA GLY A 189 17.79 23.32 10.42
C GLY A 189 17.29 23.20 11.84
N ASP A 190 17.08 24.35 12.47
CA ASP A 190 16.70 24.44 13.88
CA ASP A 190 16.67 24.33 13.86
C ASP A 190 15.20 24.64 14.07
N VAL A 191 14.64 24.04 15.12
CA VAL A 191 13.24 24.20 15.49
C VAL A 191 13.23 24.77 16.90
N ASP A 192 12.92 26.05 17.02
CA ASP A 192 12.89 26.67 18.33
C ASP A 192 11.51 27.22 18.61
N VAL A 193 10.76 26.48 19.41
CA VAL A 193 9.42 26.89 19.79
C VAL A 193 9.33 27.23 21.30
N SER A 194 10.46 27.61 21.88
CA SER A 194 10.51 27.96 23.30
C SER A 194 9.75 29.25 23.66
N ARG A 195 9.57 30.16 22.70
CA ARG A 195 8.81 31.40 22.92
C ARG A 195 7.30 31.17 22.70
N CYS A 196 6.96 29.98 22.25
CA CYS A 196 5.57 29.63 21.97
C CYS A 196 5.00 28.93 23.20
N VAL A 197 4.75 29.69 24.26
CA VAL A 197 4.34 29.13 25.54
C VAL A 197 2.92 28.56 25.59
N ASN A 198 2.13 28.77 24.53
CA ASN A 198 0.80 28.16 24.45
C ASN A 198 0.71 27.04 23.44
N LEU A 199 1.84 26.62 22.88
CA LEU A 199 1.87 25.58 21.86
C LEU A 199 1.49 24.20 22.42
N GLU A 200 0.48 23.59 21.81
CA GLU A 200 -0.02 22.30 22.30
C GLU A 200 0.31 21.17 21.33
N PHE A 201 0.44 21.52 20.05
CA PHE A 201 0.57 20.54 18.98
C PHE A 201 1.73 20.94 18.05
N LEU A 202 2.75 20.09 17.97
CA LEU A 202 3.87 20.29 17.03
C LEU A 202 4.11 19.04 16.15
N ASP A 203 3.90 19.19 14.85
CA ASP A 203 4.23 18.15 13.89
C ASP A 203 5.22 18.69 12.87
N VAL A 204 6.48 18.29 13.02
CA VAL A 204 7.52 18.64 12.06
C VAL A 204 8.03 17.37 11.35
N SER A 205 7.20 16.33 11.32
CA SER A 205 7.56 15.03 10.74
C SER A 205 7.71 15.01 9.20
N SER A 206 8.31 13.94 8.70
CA SER A 206 8.63 13.79 7.27
C SER A 206 9.26 15.03 6.64
N ASN A 207 10.40 15.44 7.18
CA ASN A 207 11.13 16.55 6.62
C ASN A 207 12.61 16.21 6.34
N ASN A 208 13.50 17.15 6.57
CA ASN A 208 14.91 16.97 6.31
C ASN A 208 15.77 17.45 7.49
N PHE A 209 15.28 17.21 8.71
CA PHE A 209 16.03 17.58 9.91
C PHE A 209 17.09 16.53 10.23
N SER A 210 18.31 16.98 10.45
CA SER A 210 19.39 16.05 10.71
C SER A 210 20.43 16.70 11.62
N THR A 211 20.06 17.80 12.24
CA THR A 211 20.92 18.41 13.22
C THR A 211 20.24 18.43 14.58
N GLY A 212 20.00 19.62 15.12
CA GLY A 212 19.45 19.75 16.44
C GLY A 212 18.08 19.13 16.62
N ILE A 213 17.83 18.62 17.82
CA ILE A 213 16.48 18.27 18.26
C ILE A 213 15.73 19.58 18.52
N PRO A 214 14.43 19.62 18.19
CA PRO A 214 13.62 20.82 18.48
C PRO A 214 13.82 21.33 19.91
N PHE A 215 14.05 22.63 20.07
CA PHE A 215 14.15 23.21 21.42
C PHE A 215 12.79 23.67 21.95
N LEU A 216 12.40 23.19 23.12
CA LEU A 216 11.02 23.35 23.57
C LEU A 216 10.84 24.27 24.77
N GLY A 217 11.94 24.81 25.29
CA GLY A 217 11.87 25.63 26.48
C GLY A 217 11.07 24.96 27.58
N ASP A 218 10.20 25.72 28.23
CA ASP A 218 9.44 25.20 29.37
C ASP A 218 8.44 24.13 28.93
N CYS A 219 8.02 24.17 27.67
CA CYS A 219 7.18 23.11 27.16
C CYS A 219 5.88 23.03 28.00
N SER A 220 5.39 24.19 28.41
CA SER A 220 4.32 24.26 29.40
C SER A 220 2.98 23.71 28.92
N ALA A 221 2.70 23.83 27.64
CA ALA A 221 1.42 23.39 27.11
C ALA A 221 1.48 22.21 26.12
N LEU A 222 2.67 21.64 25.90
CA LEU A 222 2.82 20.69 24.78
C LEU A 222 2.22 19.32 25.04
N GLN A 223 1.30 18.91 24.18
CA GLN A 223 0.59 17.65 24.36
C GLN A 223 0.89 16.65 23.24
N HIS A 224 1.22 17.17 22.06
CA HIS A 224 1.46 16.36 20.87
C HIS A 224 2.78 16.76 20.21
N LEU A 225 3.75 15.82 20.17
CA LEU A 225 5.05 16.07 19.55
C LEU A 225 5.40 14.97 18.54
N ASP A 226 5.41 15.35 17.26
CA ASP A 226 5.78 14.44 16.19
C ASP A 226 7.00 15.00 15.48
N ILE A 227 8.14 14.34 15.68
CA ILE A 227 9.37 14.66 14.94
C ILE A 227 9.81 13.48 14.07
N SER A 228 8.92 12.51 13.89
CA SER A 228 9.22 11.29 13.14
C SER A 228 9.58 11.57 11.65
N GLY A 229 10.13 10.55 10.99
CA GLY A 229 10.41 10.66 9.57
C GLY A 229 11.48 11.68 9.20
N ASN A 230 12.55 11.73 9.98
CA ASN A 230 13.66 12.62 9.68
C ASN A 230 14.98 11.88 9.78
N LYS A 231 16.06 12.59 10.09
CA LYS A 231 17.35 11.93 10.32
C LYS A 231 17.94 12.39 11.63
N LEU A 232 17.10 12.52 12.65
CA LEU A 232 17.57 13.04 13.92
C LEU A 232 18.24 11.96 14.75
N SER A 233 19.24 12.37 15.52
CA SER A 233 19.85 11.53 16.55
C SER A 233 20.22 12.41 17.74
N GLY A 234 20.62 11.80 18.85
CA GLY A 234 20.99 12.59 20.00
C GLY A 234 19.99 12.56 21.15
N ASP A 235 20.10 13.54 22.03
CA ASP A 235 19.51 13.45 23.37
C ASP A 235 18.09 14.03 23.45
N PHE A 236 17.12 13.36 22.84
CA PHE A 236 15.74 13.84 22.86
C PHE A 236 15.13 13.74 24.26
N SER A 237 15.67 12.83 25.08
CA SER A 237 15.16 12.60 26.42
C SER A 237 15.28 13.89 27.21
N ARG A 238 16.45 14.51 27.14
CA ARG A 238 16.67 15.78 27.82
C ARG A 238 15.81 16.92 27.24
N ALA A 239 15.65 16.91 25.92
CA ALA A 239 14.85 17.93 25.24
C ALA A 239 13.37 17.97 25.64
N ILE A 240 12.80 16.81 25.92
CA ILE A 240 11.39 16.71 26.30
C ILE A 240 11.22 16.54 27.80
N SER A 241 12.29 16.69 28.57
CA SER A 241 12.24 16.36 29.99
C SER A 241 11.40 17.33 30.82
N THR A 242 11.18 18.53 30.31
CA THR A 242 10.35 19.50 31.00
C THR A 242 8.89 19.40 30.60
N CYS A 243 8.57 18.47 29.69
CA CYS A 243 7.26 18.38 29.04
C CYS A 243 6.29 17.51 29.85
N THR A 244 5.59 18.13 30.79
CA THR A 244 4.81 17.35 31.76
C THR A 244 3.38 17.08 31.31
N GLU A 245 2.97 17.74 30.24
CA GLU A 245 1.63 17.52 29.71
C GLU A 245 1.60 16.63 28.46
N LEU A 246 2.74 16.06 28.07
CA LEU A 246 2.84 15.33 26.82
C LEU A 246 1.96 14.09 26.76
N LYS A 247 1.16 13.99 25.69
CA LYS A 247 0.24 12.88 25.54
C LYS A 247 0.68 11.95 24.41
N LEU A 248 1.25 12.54 23.37
CA LEU A 248 1.75 11.80 22.21
C LEU A 248 3.21 12.20 21.91
N LEU A 249 4.07 11.20 21.80
CA LEU A 249 5.46 11.40 21.42
C LEU A 249 5.75 10.38 20.32
N ASN A 250 5.87 10.89 19.10
CA ASN A 250 6.26 10.08 17.95
C ASN A 250 7.64 10.49 17.48
N ILE A 251 8.64 9.66 17.76
CA ILE A 251 9.99 9.91 17.25
C ILE A 251 10.45 8.84 16.24
N SER A 252 9.51 8.04 15.77
CA SER A 252 9.79 6.93 14.87
C SER A 252 10.48 7.32 13.53
N SER A 253 11.11 6.34 12.87
CA SER A 253 11.83 6.59 11.62
C SER A 253 12.85 7.73 11.73
N ASN A 254 13.80 7.55 12.64
CA ASN A 254 14.92 8.46 12.77
C ASN A 254 16.23 7.69 12.93
N GLN A 255 17.24 8.32 13.53
CA GLN A 255 18.55 7.70 13.70
C GLN A 255 18.95 7.68 15.17
N PHE A 256 18.01 7.40 16.05
CA PHE A 256 18.33 7.32 17.47
C PHE A 256 18.95 5.98 17.81
N VAL A 257 19.94 6.00 18.68
CA VAL A 257 20.62 4.78 19.09
C VAL A 257 20.63 4.66 20.60
N GLY A 258 21.05 3.50 21.08
CA GLY A 258 21.20 3.27 22.50
C GLY A 258 19.91 2.73 23.09
N PRO A 259 19.87 2.60 24.41
CA PRO A 259 18.70 2.08 25.12
C PRO A 259 17.62 3.15 25.23
N ILE A 260 16.38 2.73 25.40
CA ILE A 260 15.30 3.65 25.73
C ILE A 260 15.65 4.44 26.98
N PRO A 261 15.80 5.77 26.85
CA PRO A 261 16.16 6.64 27.96
C PRO A 261 14.94 7.07 28.78
N PRO A 262 15.16 7.77 29.90
CA PRO A 262 14.06 8.30 30.71
C PRO A 262 13.03 9.09 29.90
N LEU A 263 11.77 9.06 30.34
CA LEU A 263 10.67 9.69 29.60
C LEU A 263 9.64 10.28 30.57
N PRO A 264 8.83 11.25 30.09
CA PRO A 264 7.75 11.86 30.88
C PRO A 264 6.46 11.04 30.72
N LEU A 265 6.13 10.24 31.73
CA LEU A 265 5.11 9.20 31.57
C LEU A 265 3.74 9.53 32.16
N LYS A 266 3.66 10.57 32.97
CA LYS A 266 2.45 10.75 33.78
C LYS A 266 1.23 11.19 32.97
N SER A 267 1.44 11.61 31.74
CA SER A 267 0.31 11.98 30.88
C SER A 267 0.29 11.21 29.57
N LEU A 268 1.28 10.33 29.38
CA LEU A 268 1.55 9.73 28.08
C LEU A 268 0.50 8.72 27.60
N GLN A 269 -0.09 8.99 26.46
CA GLN A 269 -1.09 8.08 25.90
C GLN A 269 -0.50 7.31 24.71
N TYR A 270 0.16 8.01 23.80
CA TYR A 270 0.79 7.36 22.65
C TYR A 270 2.32 7.52 22.60
N LEU A 271 3.02 6.40 22.52
CA LEU A 271 4.49 6.43 22.41
C LEU A 271 5.01 5.59 21.23
N SER A 272 5.73 6.24 20.32
CA SER A 272 6.37 5.52 19.22
C SER A 272 7.87 5.75 19.09
N LEU A 273 8.63 4.68 19.23
CA LEU A 273 10.07 4.71 19.09
C LEU A 273 10.50 3.90 17.87
N ALA A 274 9.52 3.49 17.07
CA ALA A 274 9.73 2.54 15.98
C ALA A 274 10.73 3.00 14.93
N GLU A 275 11.40 2.04 14.29
CA GLU A 275 12.26 2.30 13.14
C GLU A 275 13.40 3.22 13.50
N ASN A 276 14.06 2.90 14.61
CA ASN A 276 15.30 3.58 14.94
C ASN A 276 16.41 2.53 15.12
N LYS A 277 17.39 2.81 15.99
CA LYS A 277 18.43 1.84 16.30
C LYS A 277 18.56 1.64 17.81
N PHE A 278 17.46 1.80 18.53
CA PHE A 278 17.49 1.54 19.95
C PHE A 278 17.90 0.09 20.22
N THR A 279 18.64 -0.13 21.30
CA THR A 279 19.16 -1.45 21.62
C THR A 279 18.78 -1.84 23.04
N GLY A 280 19.13 -3.07 23.43
CA GLY A 280 18.94 -3.51 24.81
C GLY A 280 17.53 -4.02 25.04
N GLU A 281 17.11 -4.04 26.30
CA GLU A 281 15.77 -4.54 26.62
C GLU A 281 14.84 -3.48 27.23
N ILE A 282 13.53 -3.68 27.05
CA ILE A 282 12.52 -2.77 27.59
C ILE A 282 12.74 -2.57 29.09
N PRO A 283 13.01 -1.31 29.49
CA PRO A 283 13.32 -0.95 30.88
C PRO A 283 12.11 -0.98 31.80
N ASP A 284 12.34 -1.37 33.05
CA ASP A 284 11.28 -1.52 34.03
C ASP A 284 10.58 -0.20 34.35
N PHE A 285 11.24 0.91 34.03
CA PHE A 285 10.70 2.22 34.41
C PHE A 285 9.49 2.67 33.59
N LEU A 286 9.24 2.02 32.44
CA LEU A 286 8.11 2.39 31.58
C LEU A 286 6.74 2.13 32.22
N SER A 287 6.74 1.33 33.29
CA SER A 287 5.52 1.02 34.04
C SER A 287 4.82 2.29 34.52
N GLY A 288 5.54 3.42 34.48
CA GLY A 288 5.00 4.69 34.93
C GLY A 288 3.89 5.24 34.06
N ALA A 289 3.80 4.75 32.82
CA ALA A 289 2.77 5.20 31.91
C ALA A 289 1.54 4.31 31.96
N CYS A 290 1.67 3.15 32.59
CA CYS A 290 0.59 2.16 32.68
C CYS A 290 -0.72 2.71 33.23
N ASP A 291 -0.75 4.00 33.55
CA ASP A 291 -1.96 4.62 34.05
C ASP A 291 -2.68 5.37 32.94
N THR A 292 -1.97 5.66 31.86
CA THR A 292 -2.46 6.50 30.78
C THR A 292 -2.20 5.91 29.39
N LEU A 293 -1.19 5.05 29.29
CA LEU A 293 -0.69 4.59 28.01
C LEU A 293 -1.70 3.79 27.20
N THR A 294 -1.95 4.24 25.98
CA THR A 294 -2.96 3.65 25.13
C THR A 294 -2.33 2.93 23.94
N GLY A 295 -1.19 3.45 23.49
CA GLY A 295 -0.51 2.88 22.35
C GLY A 295 0.99 2.86 22.56
N LEU A 296 1.60 1.68 22.38
CA LEU A 296 3.06 1.56 22.42
C LEU A 296 3.56 0.95 21.12
N ASP A 297 4.59 1.53 20.53
CA ASP A 297 5.21 0.96 19.32
C ASP A 297 6.73 1.04 19.38
N LEU A 298 7.35 -0.13 19.49
CA LEU A 298 8.80 -0.25 19.58
C LEU A 298 9.37 -1.04 18.40
N SER A 299 8.53 -1.24 17.39
CA SER A 299 8.87 -2.01 16.21
C SER A 299 10.12 -1.54 15.47
N GLY A 300 10.81 -2.50 14.84
CA GLY A 300 11.92 -2.19 13.95
C GLY A 300 13.12 -1.56 14.63
N ASN A 301 13.55 -2.15 15.74
CA ASN A 301 14.77 -1.77 16.44
C ASN A 301 15.59 -3.02 16.74
N HIS A 302 16.44 -2.96 17.76
CA HIS A 302 17.28 -4.09 18.14
C HIS A 302 16.98 -4.52 19.58
N PHE A 303 15.75 -4.33 20.01
CA PHE A 303 15.33 -4.75 21.34
C PHE A 303 15.38 -6.27 21.45
N TYR A 304 15.55 -6.77 22.66
CA TYR A 304 15.60 -8.22 22.89
C TYR A 304 15.11 -8.60 24.29
N GLY A 305 15.14 -9.89 24.57
CA GLY A 305 14.73 -10.38 25.87
C GLY A 305 13.24 -10.69 25.92
N ALA A 306 12.63 -10.44 27.07
CA ALA A 306 11.22 -10.74 27.25
C ALA A 306 10.40 -9.48 27.46
N VAL A 307 9.08 -9.63 27.36
CA VAL A 307 8.16 -8.55 27.66
C VAL A 307 8.03 -8.41 29.16
N PRO A 308 8.53 -7.28 29.71
CA PRO A 308 8.48 -7.05 31.15
C PRO A 308 7.11 -7.38 31.72
N PRO A 309 7.08 -7.96 32.93
CA PRO A 309 5.82 -8.34 33.57
C PRO A 309 4.95 -7.14 33.97
N PHE A 310 5.50 -5.93 34.01
CA PHE A 310 4.76 -4.77 34.48
C PHE A 310 3.54 -4.39 33.62
N PHE A 311 3.55 -4.85 32.37
CA PHE A 311 2.49 -4.49 31.42
C PHE A 311 1.08 -4.87 31.87
N GLY A 312 0.98 -5.68 32.91
CA GLY A 312 -0.33 -6.07 33.43
C GLY A 312 -1.10 -4.89 33.99
N SER A 313 -0.36 -3.88 34.45
CA SER A 313 -0.95 -2.67 35.03
C SER A 313 -1.42 -1.68 33.96
N CYS A 314 -0.80 -1.75 32.77
CA CYS A 314 -1.22 -0.96 31.61
C CYS A 314 -2.56 -1.47 31.12
N SER A 315 -3.58 -1.29 31.95
CA SER A 315 -4.88 -1.85 31.66
C SER A 315 -5.58 -1.04 30.57
N LEU A 316 -4.97 0.09 30.20
CA LEU A 316 -5.54 0.95 29.17
C LEU A 316 -4.87 0.74 27.80
N LEU A 317 -3.80 -0.05 27.78
CA LEU A 317 -3.04 -0.27 26.57
C LEU A 317 -3.87 -0.99 25.50
N GLU A 318 -4.08 -0.33 24.37
CA GLU A 318 -4.92 -0.89 23.30
C GLU A 318 -4.08 -1.58 22.23
N SER A 319 -2.92 -1.02 21.91
CA SER A 319 -2.02 -1.61 20.92
C SER A 319 -0.61 -1.77 21.43
N LEU A 320 -0.06 -2.97 21.26
CA LEU A 320 1.31 -3.26 21.62
C LEU A 320 2.02 -3.80 20.39
N ALA A 321 2.90 -2.99 19.82
CA ALA A 321 3.65 -3.38 18.64
C ALA A 321 5.13 -3.47 18.95
N LEU A 322 5.70 -4.66 18.78
CA LEU A 322 7.11 -4.92 19.09
C LEU A 322 7.80 -5.71 17.96
N SER A 323 7.23 -5.69 16.77
CA SER A 323 7.74 -6.51 15.69
C SER A 323 9.09 -6.03 15.20
N SER A 324 9.83 -6.93 14.54
CA SER A 324 11.12 -6.62 13.95
C SER A 324 12.13 -6.19 14.99
N ASN A 325 12.18 -6.96 16.07
CA ASN A 325 13.28 -6.87 17.00
C ASN A 325 13.81 -8.28 17.17
N ASN A 326 14.24 -8.60 18.39
CA ASN A 326 14.73 -9.93 18.70
C ASN A 326 14.20 -10.42 20.04
N PHE A 327 12.93 -10.13 20.33
CA PHE A 327 12.33 -10.62 21.57
C PHE A 327 12.23 -12.13 21.51
N SER A 328 12.53 -12.79 22.63
CA SER A 328 12.47 -14.25 22.68
C SER A 328 11.68 -14.75 23.89
N GLY A 329 11.53 -16.07 23.98
CA GLY A 329 10.78 -16.66 25.06
C GLY A 329 9.41 -17.11 24.61
N GLU A 330 8.62 -17.63 25.54
CA GLU A 330 7.27 -18.07 25.22
C GLU A 330 6.30 -16.90 25.28
N LEU A 331 5.08 -17.12 24.80
CA LEU A 331 4.04 -16.12 24.86
C LEU A 331 3.72 -15.78 26.32
N PRO A 332 4.06 -14.54 26.76
CA PRO A 332 3.86 -14.15 28.16
C PRO A 332 2.39 -14.01 28.54
N MET A 333 1.59 -15.03 28.25
CA MET A 333 0.15 -14.99 28.49
C MET A 333 -0.22 -14.47 29.88
N ASP A 334 0.67 -14.69 30.85
CA ASP A 334 0.42 -14.27 32.21
C ASP A 334 0.32 -12.74 32.30
N THR A 335 0.99 -12.05 31.38
CA THR A 335 0.92 -10.60 31.34
C THR A 335 -0.21 -10.11 30.43
N LEU A 336 -0.33 -10.71 29.25
CA LEU A 336 -1.31 -10.28 28.25
C LEU A 336 -2.76 -10.39 28.74
N LEU A 337 -3.00 -11.40 29.58
CA LEU A 337 -4.34 -11.66 30.11
C LEU A 337 -4.82 -10.58 31.08
N LYS A 338 -3.89 -9.78 31.58
CA LYS A 338 -4.23 -8.69 32.47
C LYS A 338 -4.53 -7.40 31.72
N MET A 339 -3.98 -7.28 30.52
CA MET A 339 -4.22 -6.11 29.69
C MET A 339 -5.64 -6.10 29.17
N ARG A 340 -6.57 -5.74 30.05
CA ARG A 340 -8.00 -5.80 29.78
C ARG A 340 -8.41 -5.12 28.48
N GLY A 341 -7.74 -4.03 28.15
CA GLY A 341 -8.12 -3.21 27.00
C GLY A 341 -7.39 -3.50 25.69
N LEU A 342 -6.53 -4.51 25.71
CA LEU A 342 -5.70 -4.82 24.55
C LEU A 342 -6.54 -5.22 23.34
N LYS A 343 -6.19 -4.65 22.19
CA LYS A 343 -6.96 -4.84 20.97
C LYS A 343 -6.08 -5.28 19.79
N VAL A 344 -4.87 -4.74 19.71
CA VAL A 344 -3.93 -5.14 18.69
C VAL A 344 -2.64 -5.64 19.30
N LEU A 345 -2.29 -6.89 18.98
CA LEU A 345 -1.06 -7.48 19.49
C LEU A 345 -0.15 -7.90 18.34
N ASP A 346 1.00 -7.24 18.23
CA ASP A 346 1.89 -7.47 17.10
C ASP A 346 3.31 -7.80 17.57
N LEU A 347 3.64 -9.09 17.51
CA LEU A 347 4.96 -9.57 17.92
C LEU A 347 5.68 -10.17 16.73
N SER A 348 5.31 -9.76 15.52
CA SER A 348 5.83 -10.38 14.32
C SER A 348 7.31 -10.10 14.14
N PHE A 349 7.99 -10.99 13.43
CA PHE A 349 9.41 -10.84 13.12
C PHE A 349 10.31 -10.77 14.36
N ASN A 350 10.08 -11.67 15.29
CA ASN A 350 10.99 -11.84 16.42
C ASN A 350 11.39 -13.31 16.54
N GLU A 351 11.76 -13.74 17.74
CA GLU A 351 12.12 -15.14 17.93
C GLU A 351 11.44 -15.78 19.15
N PHE A 352 10.17 -15.45 19.34
CA PHE A 352 9.35 -16.13 20.33
C PHE A 352 9.25 -17.60 19.95
N SER A 353 9.12 -18.45 20.95
CA SER A 353 9.17 -19.89 20.70
C SER A 353 8.25 -20.64 21.64
N GLY A 354 8.23 -21.96 21.46
CA GLY A 354 7.40 -22.83 22.27
C GLY A 354 6.01 -22.96 21.68
N GLU A 355 5.17 -23.77 22.31
CA GLU A 355 3.80 -23.94 21.85
C GLU A 355 2.90 -22.80 22.32
N LEU A 356 1.67 -22.78 21.81
CA LEU A 356 0.71 -21.75 22.19
C LEU A 356 0.01 -22.14 23.47
N PRO A 357 0.13 -21.29 24.51
CA PRO A 357 -0.52 -21.55 25.80
C PRO A 357 -2.04 -21.58 25.66
N GLU A 358 -2.67 -22.52 26.39
CA GLU A 358 -4.12 -22.71 26.32
C GLU A 358 -4.90 -21.45 26.70
N SER A 359 -4.32 -20.63 27.57
CA SER A 359 -4.98 -19.42 28.06
C SER A 359 -5.21 -18.39 26.95
N LEU A 360 -4.51 -18.55 25.83
CA LEU A 360 -4.59 -17.64 24.71
C LEU A 360 -6.02 -17.54 24.16
N THR A 361 -6.79 -18.61 24.37
CA THR A 361 -8.15 -18.71 23.83
C THR A 361 -9.08 -17.66 24.42
N ASN A 362 -8.68 -17.08 25.55
CA ASN A 362 -9.46 -16.02 26.19
C ASN A 362 -9.38 -14.72 25.41
N LEU A 363 -8.18 -14.35 24.98
CA LEU A 363 -7.97 -13.11 24.25
C LEU A 363 -8.75 -13.04 22.93
N SER A 364 -9.17 -14.20 22.43
CA SER A 364 -9.98 -14.25 21.22
C SER A 364 -11.29 -13.46 21.37
N ALA A 365 -11.60 -13.07 22.60
CA ALA A 365 -12.83 -12.33 22.88
C ALA A 365 -12.60 -10.83 23.09
N SER A 366 -11.34 -10.40 23.03
CA SER A 366 -11.01 -8.97 23.17
C SER A 366 -10.21 -8.42 21.99
N LEU A 367 -9.25 -9.19 21.50
CA LEU A 367 -8.35 -8.76 20.41
C LEU A 367 -9.05 -8.58 19.08
N LEU A 368 -8.66 -7.54 18.36
CA LEU A 368 -9.05 -7.41 16.96
C LEU A 368 -7.98 -8.03 16.05
N THR A 369 -6.71 -7.87 16.43
CA THR A 369 -5.58 -8.36 15.65
C THR A 369 -4.60 -9.18 16.48
N LEU A 370 -4.30 -10.38 16.01
CA LEU A 370 -3.28 -11.22 16.64
C LEU A 370 -2.20 -11.54 15.62
N ASP A 371 -1.06 -10.86 15.73
CA ASP A 371 0.00 -11.01 14.75
C ASP A 371 1.21 -11.69 15.37
N LEU A 372 1.37 -12.97 15.07
CA LEU A 372 2.48 -13.75 15.61
C LEU A 372 3.40 -14.24 14.50
N SER A 373 3.33 -13.61 13.33
CA SER A 373 4.06 -14.08 12.16
C SER A 373 5.58 -13.96 12.28
N SER A 374 6.29 -14.85 11.59
CA SER A 374 7.74 -14.84 11.54
C SER A 374 8.40 -14.93 12.92
N ASN A 375 8.07 -16.00 13.65
CA ASN A 375 8.77 -16.29 14.89
C ASN A 375 9.37 -17.68 14.85
N ASN A 376 9.49 -18.34 16.00
N ASN A 376 9.47 -18.33 16.01
CA ASN A 376 9.93 -19.72 16.04
CA ASN A 376 9.95 -19.70 16.10
C ASN A 376 8.99 -20.57 16.90
C ASN A 376 8.99 -20.56 16.91
N PHE A 377 7.70 -20.33 16.72
CA PHE A 377 6.67 -21.10 17.42
C PHE A 377 6.56 -22.51 16.84
N SER A 378 6.18 -23.45 17.69
CA SER A 378 6.06 -24.84 17.32
C SER A 378 4.76 -25.41 17.86
N GLY A 379 4.42 -26.62 17.45
CA GLY A 379 3.21 -27.27 17.93
C GLY A 379 1.98 -26.92 17.10
N PRO A 380 0.78 -27.31 17.59
CA PRO A 380 -0.48 -27.14 16.87
C PRO A 380 -1.18 -25.82 17.15
N ILE A 381 -2.01 -25.39 16.20
CA ILE A 381 -2.90 -24.25 16.39
C ILE A 381 -3.92 -24.67 17.43
N LEU A 382 -4.09 -23.85 18.47
CA LEU A 382 -5.04 -24.16 19.54
C LEU A 382 -6.42 -24.46 18.97
N PRO A 383 -6.89 -25.70 19.13
CA PRO A 383 -8.24 -26.02 18.65
C PRO A 383 -9.24 -25.19 19.42
N ASN A 384 -9.18 -25.27 20.75
CA ASN A 384 -10.11 -24.56 21.62
C ASN A 384 -10.14 -23.05 21.37
N LEU A 385 -9.32 -22.59 20.43
CA LEU A 385 -9.27 -21.18 20.06
C LEU A 385 -10.67 -20.69 19.69
N CYS A 386 -10.98 -19.47 20.09
CA CYS A 386 -12.32 -18.92 19.89
C CYS A 386 -13.43 -19.82 20.42
N GLN A 387 -13.31 -20.19 21.70
CA GLN A 387 -14.40 -20.82 22.41
C GLN A 387 -15.26 -19.70 22.97
N ASN A 388 -14.59 -18.68 23.51
CA ASN A 388 -15.26 -17.54 24.12
C ASN A 388 -16.31 -16.94 23.21
N PRO A 389 -17.58 -17.13 23.55
CA PRO A 389 -18.68 -16.51 22.84
C PRO A 389 -18.36 -15.05 22.54
N LYS A 390 -18.88 -14.54 21.43
CA LYS A 390 -18.59 -13.18 21.00
C LYS A 390 -17.10 -13.00 20.70
N ASN A 391 -16.55 -13.92 19.90
CA ASN A 391 -15.18 -13.81 19.41
C ASN A 391 -15.04 -12.61 18.50
N THR A 392 -14.17 -11.68 18.88
CA THR A 392 -14.03 -10.43 18.15
C THR A 392 -12.87 -10.43 17.12
N LEU A 393 -11.99 -11.42 17.25
CA LEU A 393 -10.77 -11.51 16.45
C LEU A 393 -11.02 -11.29 14.96
N GLN A 394 -10.34 -10.29 14.39
CA GLN A 394 -10.49 -9.96 12.98
C GLN A 394 -9.33 -10.45 12.12
N GLU A 395 -8.11 -10.30 12.63
CA GLU A 395 -6.92 -10.71 11.89
C GLU A 395 -6.09 -11.73 12.65
N LEU A 396 -5.81 -12.86 12.00
CA LEU A 396 -4.99 -13.89 12.60
C LEU A 396 -3.79 -14.24 11.71
N TYR A 397 -2.62 -13.83 12.16
CA TYR A 397 -1.40 -14.01 11.40
C TYR A 397 -0.44 -14.93 12.14
N LEU A 398 -0.33 -16.16 11.66
CA LEU A 398 0.57 -17.14 12.25
C LEU A 398 1.55 -17.70 11.23
N GLN A 399 1.75 -16.97 10.13
CA GLN A 399 2.55 -17.52 9.04
C GLN A 399 4.04 -17.49 9.38
N ASN A 400 4.80 -18.39 8.75
CA ASN A 400 6.24 -18.45 8.94
C ASN A 400 6.64 -18.79 10.39
N ASN A 401 6.15 -19.92 10.87
CA ASN A 401 6.53 -20.46 12.17
C ASN A 401 6.89 -21.93 12.04
N GLY A 402 6.55 -22.73 13.05
CA GLY A 402 6.80 -24.15 12.99
C GLY A 402 5.58 -24.98 13.34
N PHE A 403 4.40 -24.46 13.02
CA PHE A 403 3.16 -25.13 13.40
C PHE A 403 2.89 -26.43 12.66
N THR A 404 2.78 -27.50 13.44
CA THR A 404 2.41 -28.82 12.96
C THR A 404 0.94 -29.09 13.22
N GLY A 405 0.43 -30.20 12.71
CA GLY A 405 -0.94 -30.59 12.96
C GLY A 405 -1.92 -30.16 11.90
N LYS A 406 -3.20 -30.17 12.25
CA LYS A 406 -4.26 -29.82 11.33
C LYS A 406 -4.66 -28.36 11.49
N ILE A 407 -5.41 -27.86 10.51
CA ILE A 407 -6.05 -26.56 10.62
C ILE A 407 -7.35 -26.75 11.39
N PRO A 408 -7.40 -26.24 12.62
CA PRO A 408 -8.58 -26.39 13.49
C PRO A 408 -9.85 -25.86 12.84
N PRO A 409 -10.83 -26.73 12.59
CA PRO A 409 -12.09 -26.27 12.01
C PRO A 409 -12.71 -25.28 12.97
N THR A 410 -12.30 -25.38 14.23
CA THR A 410 -12.74 -24.49 15.30
C THR A 410 -12.58 -23.01 14.93
N LEU A 411 -11.65 -22.74 14.02
CA LEU A 411 -11.38 -21.37 13.60
C LEU A 411 -12.64 -20.70 13.04
N SER A 412 -13.58 -21.51 12.58
CA SER A 412 -14.83 -21.00 12.02
C SER A 412 -15.69 -20.28 13.06
N ASN A 413 -15.38 -20.47 14.34
CA ASN A 413 -16.10 -19.78 15.40
C ASN A 413 -15.63 -18.32 15.59
N CYS A 414 -14.43 -18.01 15.13
CA CYS A 414 -13.96 -16.62 15.13
C CYS A 414 -14.64 -15.87 13.99
N SER A 415 -15.97 -15.76 14.07
CA SER A 415 -16.79 -15.33 12.95
C SER A 415 -16.57 -13.90 12.51
N GLU A 416 -15.71 -13.17 13.21
CA GLU A 416 -15.42 -11.79 12.83
C GLU A 416 -14.17 -11.68 11.95
N LEU A 417 -13.57 -12.84 11.68
CA LEU A 417 -12.30 -12.95 10.99
C LEU A 417 -12.31 -12.40 9.56
N VAL A 418 -11.43 -11.45 9.28
CA VAL A 418 -11.33 -10.90 7.93
C VAL A 418 -10.06 -11.37 7.22
N SER A 419 -9.09 -11.83 7.99
CA SER A 419 -7.79 -12.17 7.43
C SER A 419 -7.13 -13.36 8.14
N LEU A 420 -6.88 -14.42 7.38
CA LEU A 420 -6.30 -15.65 7.94
C LEU A 420 -5.05 -16.06 7.16
N HIS A 421 -3.91 -16.08 7.85
CA HIS A 421 -2.63 -16.31 7.22
C HIS A 421 -1.88 -17.40 7.98
N LEU A 422 -1.99 -18.64 7.51
CA LEU A 422 -1.34 -19.78 8.17
C LEU A 422 -0.18 -20.33 7.34
N SER A 423 0.26 -19.54 6.36
CA SER A 423 1.27 -19.96 5.41
C SER A 423 2.61 -20.29 6.05
N PHE A 424 3.46 -20.96 5.28
CA PHE A 424 4.82 -21.23 5.71
C PHE A 424 4.90 -21.92 7.06
N ASN A 425 4.21 -23.04 7.18
CA ASN A 425 4.31 -23.87 8.37
C ASN A 425 4.44 -25.31 7.96
N TYR A 426 3.96 -26.22 8.79
CA TYR A 426 4.04 -27.64 8.50
C TYR A 426 2.68 -28.27 8.71
N LEU A 427 1.65 -27.60 8.22
CA LEU A 427 0.28 -28.02 8.46
C LEU A 427 -0.15 -29.14 7.53
N SER A 428 -0.53 -30.27 8.12
CA SER A 428 -1.10 -31.37 7.36
C SER A 428 -2.62 -31.34 7.47
N GLY A 429 -3.26 -32.43 7.06
CA GLY A 429 -4.72 -32.48 7.04
C GLY A 429 -5.28 -31.68 5.89
N THR A 430 -6.60 -31.46 5.90
CA THR A 430 -7.27 -30.75 4.82
C THR A 430 -7.58 -29.31 5.21
N ILE A 431 -8.02 -28.54 4.22
CA ILE A 431 -8.56 -27.20 4.44
C ILE A 431 -9.99 -27.33 4.96
N PRO A 432 -10.20 -27.05 6.25
CA PRO A 432 -11.52 -27.33 6.83
C PRO A 432 -12.68 -26.67 6.08
N SER A 433 -13.69 -27.46 5.76
CA SER A 433 -14.87 -26.98 5.05
C SER A 433 -15.57 -25.85 5.80
N SER A 434 -15.45 -25.86 7.12
CA SER A 434 -16.15 -24.90 7.97
C SER A 434 -15.66 -23.46 7.78
N LEU A 435 -14.51 -23.27 7.15
CA LEU A 435 -14.01 -21.92 6.90
C LEU A 435 -14.96 -21.16 5.97
N GLY A 436 -15.79 -21.89 5.23
CA GLY A 436 -16.84 -21.30 4.42
C GLY A 436 -17.85 -20.54 5.26
N SER A 437 -17.78 -20.74 6.58
CA SER A 437 -18.69 -20.09 7.53
C SER A 437 -18.25 -18.67 7.90
N LEU A 438 -16.99 -18.34 7.63
CA LEU A 438 -16.45 -17.01 7.91
C LEU A 438 -16.95 -16.00 6.88
N SER A 439 -18.17 -15.52 7.11
CA SER A 439 -18.89 -14.70 6.15
C SER A 439 -18.20 -13.37 5.87
N LYS A 440 -17.19 -13.03 6.68
CA LYS A 440 -16.48 -11.77 6.51
C LYS A 440 -15.04 -11.91 5.96
N LEU A 441 -14.61 -13.14 5.71
CA LEU A 441 -13.20 -13.41 5.40
C LEU A 441 -12.83 -12.87 4.03
N ARG A 442 -11.74 -12.10 3.97
CA ARG A 442 -11.25 -11.58 2.69
C ARG A 442 -9.98 -12.27 2.22
N ASP A 443 -9.17 -12.72 3.16
CA ASP A 443 -7.88 -13.32 2.82
C ASP A 443 -7.68 -14.71 3.43
N LEU A 444 -7.59 -15.73 2.59
CA LEU A 444 -7.20 -17.05 3.07
C LEU A 444 -5.82 -17.41 2.51
N LYS A 445 -4.81 -17.44 3.38
CA LYS A 445 -3.45 -17.67 2.92
C LYS A 445 -2.78 -18.83 3.64
N LEU A 446 -2.70 -19.97 2.95
CA LEU A 446 -2.26 -21.22 3.55
C LEU A 446 -1.04 -21.80 2.83
N TRP A 447 -0.35 -20.99 2.04
CA TRP A 447 0.67 -21.54 1.15
C TRP A 447 1.96 -22.03 1.81
N LEU A 448 2.65 -22.95 1.14
CA LEU A 448 3.76 -23.70 1.71
C LEU A 448 3.41 -24.34 3.07
N ASN A 449 2.57 -25.38 3.00
CA ASN A 449 2.39 -26.34 4.08
C ASN A 449 2.39 -27.75 3.50
N MET A 450 1.59 -28.64 4.07
CA MET A 450 1.42 -29.98 3.48
C MET A 450 -0.06 -30.32 3.38
N LEU A 451 -0.89 -29.34 3.06
CA LEU A 451 -2.34 -29.53 3.02
C LEU A 451 -2.76 -30.50 1.93
N GLU A 452 -3.71 -31.37 2.27
CA GLU A 452 -4.15 -32.40 1.34
C GLU A 452 -5.65 -32.35 1.03
N GLY A 453 -6.11 -33.35 0.29
CA GLY A 453 -7.49 -33.37 -0.14
C GLY A 453 -7.82 -32.26 -1.12
N GLU A 454 -9.11 -32.03 -1.30
CA GLU A 454 -9.60 -31.04 -2.24
C GLU A 454 -9.83 -29.69 -1.61
N ILE A 455 -9.88 -28.67 -2.46
CA ILE A 455 -10.26 -27.32 -2.06
C ILE A 455 -11.77 -27.30 -1.81
N PRO A 456 -12.15 -26.96 -0.57
CA PRO A 456 -13.54 -27.00 -0.10
C PRO A 456 -14.56 -26.32 -1.02
N GLN A 457 -15.56 -27.07 -1.46
CA GLN A 457 -16.69 -26.52 -2.20
C GLN A 457 -17.33 -25.42 -1.36
N GLU A 458 -17.50 -25.71 -0.08
CA GLU A 458 -18.17 -24.81 0.86
CA GLU A 458 -18.14 -24.80 0.88
C GLU A 458 -17.57 -23.39 0.87
N LEU A 459 -16.42 -23.23 0.23
CA LEU A 459 -15.80 -21.90 0.12
C LEU A 459 -16.68 -20.92 -0.66
N MET A 460 -17.74 -21.44 -1.25
CA MET A 460 -18.69 -20.59 -1.95
C MET A 460 -19.43 -19.69 -0.97
N TYR A 461 -19.66 -20.20 0.23
CA TYR A 461 -20.41 -19.47 1.26
C TYR A 461 -19.70 -18.21 1.75
N VAL A 462 -18.50 -17.96 1.24
CA VAL A 462 -17.76 -16.73 1.57
C VAL A 462 -17.85 -15.75 0.42
N LYS A 463 -18.69 -14.73 0.57
CA LYS A 463 -18.94 -13.78 -0.51
C LYS A 463 -17.89 -12.69 -0.56
N THR A 464 -17.23 -12.45 0.56
CA THR A 464 -16.29 -11.35 0.69
C THR A 464 -14.89 -11.70 0.16
N LEU A 465 -14.69 -12.99 -0.16
CA LEU A 465 -13.36 -13.51 -0.44
C LEU A 465 -12.67 -12.74 -1.56
N GLU A 466 -11.43 -12.35 -1.31
CA GLU A 466 -10.66 -11.52 -2.22
C GLU A 466 -9.37 -12.21 -2.66
N THR A 467 -8.70 -12.88 -1.73
CA THR A 467 -7.49 -13.62 -2.07
C THR A 467 -7.50 -15.07 -1.58
N LEU A 468 -7.07 -15.99 -2.44
CA LEU A 468 -6.91 -17.39 -2.06
C LEU A 468 -5.50 -17.84 -2.42
N ILE A 469 -4.66 -18.03 -1.42
CA ILE A 469 -3.27 -18.39 -1.68
C ILE A 469 -2.91 -19.76 -1.11
N LEU A 470 -2.92 -20.76 -1.99
CA LEU A 470 -2.76 -22.17 -1.62
C LEU A 470 -1.52 -22.82 -2.25
N ASP A 471 -0.60 -22.01 -2.77
CA ASP A 471 0.60 -22.54 -3.41
C ASP A 471 1.37 -23.52 -2.52
N PHE A 472 2.09 -24.42 -3.16
CA PHE A 472 3.03 -25.30 -2.47
C PHE A 472 2.40 -26.13 -1.36
N ASN A 473 1.43 -26.94 -1.74
CA ASN A 473 0.85 -27.92 -0.84
C ASN A 473 0.72 -29.24 -1.59
N ASP A 474 -0.18 -30.10 -1.11
CA ASP A 474 -0.38 -31.41 -1.72
C ASP A 474 -1.83 -31.58 -2.10
N LEU A 475 -2.45 -30.47 -2.53
CA LEU A 475 -3.86 -30.45 -2.91
C LEU A 475 -4.13 -31.30 -4.14
N THR A 476 -5.32 -31.90 -4.18
CA THR A 476 -5.71 -32.73 -5.32
CA THR A 476 -5.71 -32.73 -5.32
C THR A 476 -7.16 -32.44 -5.70
N GLY A 477 -7.64 -33.13 -6.73
CA GLY A 477 -8.99 -32.88 -7.22
C GLY A 477 -9.00 -31.65 -8.10
N GLU A 478 -10.19 -31.19 -8.45
CA GLU A 478 -10.35 -30.11 -9.41
C GLU A 478 -10.69 -28.78 -8.76
N ILE A 479 -10.67 -27.71 -9.55
CA ILE A 479 -11.06 -26.39 -9.06
C ILE A 479 -12.55 -26.43 -8.79
N PRO A 480 -12.95 -26.35 -7.51
CA PRO A 480 -14.35 -26.44 -7.08
C PRO A 480 -15.25 -25.44 -7.80
N SER A 481 -16.26 -25.96 -8.49
CA SER A 481 -17.20 -25.13 -9.23
C SER A 481 -17.75 -24.01 -8.36
N GLY A 482 -17.80 -24.27 -7.05
CA GLY A 482 -18.34 -23.33 -6.10
C GLY A 482 -17.66 -21.98 -6.13
N LEU A 483 -16.35 -21.98 -6.38
CA LEU A 483 -15.58 -20.74 -6.38
C LEU A 483 -16.13 -19.69 -7.35
N SER A 484 -16.97 -20.11 -8.29
CA SER A 484 -17.64 -19.20 -9.19
C SER A 484 -18.36 -18.10 -8.41
N ASN A 485 -18.85 -18.45 -7.22
CA ASN A 485 -19.63 -17.54 -6.40
C ASN A 485 -18.84 -16.40 -5.74
N CYS A 486 -17.59 -16.66 -5.38
CA CYS A 486 -16.75 -15.64 -4.76
C CYS A 486 -16.32 -14.58 -5.78
N THR A 487 -17.23 -13.66 -6.10
CA THR A 487 -17.04 -12.76 -7.24
C THR A 487 -16.08 -11.60 -7.00
N ASN A 488 -15.56 -11.49 -5.78
CA ASN A 488 -14.63 -10.41 -5.46
C ASN A 488 -13.17 -10.85 -5.52
N LEU A 489 -12.95 -12.14 -5.79
CA LEU A 489 -11.61 -12.66 -5.90
C LEU A 489 -10.79 -11.77 -6.81
N ASN A 490 -9.61 -11.35 -6.35
CA ASN A 490 -8.69 -10.61 -7.23
C ASN A 490 -7.32 -11.27 -7.33
N TRP A 491 -7.08 -12.27 -6.50
CA TRP A 491 -5.81 -12.98 -6.56
C TRP A 491 -5.98 -14.46 -6.21
N ILE A 492 -5.91 -15.31 -7.24
CA ILE A 492 -6.00 -16.76 -7.08
C ILE A 492 -4.67 -17.40 -7.40
N SER A 493 -4.07 -18.04 -6.42
CA SER A 493 -2.80 -18.74 -6.64
C SER A 493 -2.81 -20.16 -6.10
N LEU A 494 -2.74 -21.11 -7.02
CA LEU A 494 -2.93 -22.52 -6.72
C LEU A 494 -1.74 -23.36 -7.20
N SER A 495 -0.60 -22.72 -7.41
CA SER A 495 0.54 -23.36 -8.05
C SER A 495 1.22 -24.42 -7.20
N ASN A 496 2.00 -25.27 -7.87
CA ASN A 496 2.82 -26.29 -7.22
C ASN A 496 2.06 -27.23 -6.28
N ASN A 497 0.89 -27.68 -6.74
CA ASN A 497 0.14 -28.73 -6.06
C ASN A 497 -0.03 -29.90 -7.00
N ARG A 498 -1.13 -30.61 -6.86
CA ARG A 498 -1.45 -31.72 -7.76
C ARG A 498 -2.89 -31.66 -8.24
N LEU A 499 -3.38 -30.44 -8.44
CA LEU A 499 -4.73 -30.23 -8.95
C LEU A 499 -4.92 -30.83 -10.33
N THR A 500 -6.17 -31.13 -10.65
CA THR A 500 -6.52 -31.67 -11.96
C THR A 500 -7.71 -30.96 -12.57
N GLY A 501 -8.21 -31.50 -13.67
CA GLY A 501 -9.36 -30.93 -14.35
C GLY A 501 -8.99 -29.79 -15.26
N GLU A 502 -10.00 -29.08 -15.74
CA GLU A 502 -9.80 -27.95 -16.63
C GLU A 502 -9.94 -26.64 -15.88
N ILE A 503 -9.62 -25.55 -16.55
CA ILE A 503 -9.92 -24.22 -16.02
C ILE A 503 -11.40 -23.95 -16.30
N PRO A 504 -12.20 -23.81 -15.24
CA PRO A 504 -13.62 -23.59 -15.48
C PRO A 504 -13.83 -22.37 -16.37
N LYS A 505 -14.92 -22.37 -17.13
CA LYS A 505 -15.23 -21.29 -18.05
C LYS A 505 -15.81 -20.11 -17.28
N TRP A 506 -16.18 -20.34 -16.03
CA TRP A 506 -16.79 -19.29 -15.24
C TRP A 506 -15.76 -18.31 -14.68
N ILE A 507 -14.50 -18.41 -15.11
CA ILE A 507 -13.50 -17.42 -14.67
C ILE A 507 -13.84 -16.07 -15.28
N GLY A 508 -14.38 -16.10 -16.50
CA GLY A 508 -14.79 -14.89 -17.16
C GLY A 508 -15.72 -14.06 -16.28
N ARG A 509 -16.37 -14.75 -15.34
CA ARG A 509 -17.33 -14.11 -14.43
C ARG A 509 -16.67 -13.10 -13.50
N LEU A 510 -15.55 -13.46 -12.90
CA LEU A 510 -14.88 -12.64 -11.89
C LEU A 510 -14.21 -11.42 -12.51
N GLU A 511 -14.86 -10.26 -12.42
CA GLU A 511 -14.38 -9.05 -13.08
C GLU A 511 -13.37 -8.32 -12.21
N ASN A 512 -12.91 -9.00 -11.16
CA ASN A 512 -11.96 -8.39 -10.25
C ASN A 512 -10.64 -9.14 -10.21
N LEU A 513 -10.60 -10.32 -10.83
CA LEU A 513 -9.44 -11.20 -10.81
C LEU A 513 -8.25 -10.58 -11.54
N ALA A 514 -7.18 -10.31 -10.80
CA ALA A 514 -6.03 -9.62 -11.35
C ALA A 514 -4.86 -10.57 -11.57
N ILE A 515 -4.77 -11.59 -10.72
CA ILE A 515 -3.65 -12.52 -10.75
C ILE A 515 -4.15 -13.97 -10.66
N LEU A 516 -3.92 -14.75 -11.72
CA LEU A 516 -4.26 -16.17 -11.70
C LEU A 516 -2.99 -16.97 -11.94
N LYS A 517 -2.58 -17.73 -10.92
CA LYS A 517 -1.35 -18.50 -11.01
C LYS A 517 -1.61 -19.99 -10.76
N LEU A 518 -1.52 -20.80 -11.80
CA LEU A 518 -1.83 -22.23 -11.72
C LEU A 518 -0.67 -23.14 -12.08
N SER A 519 0.56 -22.65 -12.00
CA SER A 519 1.70 -23.42 -12.48
C SER A 519 2.00 -24.74 -11.71
N ASN A 520 2.66 -25.67 -12.39
CA ASN A 520 3.11 -26.95 -11.84
C ASN A 520 2.02 -27.72 -11.15
N ASN A 521 1.00 -28.05 -11.93
CA ASN A 521 -0.04 -28.97 -11.50
C ASN A 521 -0.32 -29.87 -12.68
N SER A 522 -1.54 -30.38 -12.76
CA SER A 522 -1.96 -31.22 -13.87
C SER A 522 -3.30 -30.78 -14.46
N PHE A 523 -3.51 -29.46 -14.53
CA PHE A 523 -4.69 -28.94 -15.18
C PHE A 523 -4.64 -29.34 -16.64
N SER A 524 -5.78 -29.29 -17.34
CA SER A 524 -5.81 -29.75 -18.72
C SER A 524 -6.96 -29.16 -19.54
N GLY A 525 -7.08 -29.67 -20.77
CA GLY A 525 -8.02 -29.15 -21.74
C GLY A 525 -7.51 -27.89 -22.44
N ASN A 526 -8.45 -27.13 -22.99
CA ASN A 526 -8.14 -25.91 -23.72
C ASN A 526 -8.12 -24.68 -22.82
N ILE A 527 -7.35 -23.67 -23.23
CA ILE A 527 -7.41 -22.36 -22.60
C ILE A 527 -8.76 -21.73 -22.89
N PRO A 528 -9.51 -21.36 -21.84
CA PRO A 528 -10.81 -20.71 -22.01
C PRO A 528 -10.71 -19.33 -22.66
N ALA A 529 -11.39 -19.15 -23.79
CA ALA A 529 -11.60 -17.84 -24.38
C ALA A 529 -12.26 -16.93 -23.38
N GLU A 530 -12.73 -17.53 -22.28
CA GLU A 530 -13.44 -16.82 -21.24
C GLU A 530 -12.53 -15.94 -20.40
N LEU A 531 -11.26 -16.30 -20.30
CA LEU A 531 -10.29 -15.43 -19.63
C LEU A 531 -10.32 -14.05 -20.26
N GLY A 532 -10.57 -13.99 -21.57
CA GLY A 532 -10.72 -12.72 -22.26
C GLY A 532 -11.85 -11.88 -21.73
N ASP A 533 -12.69 -12.47 -20.89
CA ASP A 533 -13.80 -11.75 -20.29
C ASP A 533 -13.43 -11.08 -18.95
N CYS A 534 -12.26 -11.42 -18.42
CA CYS A 534 -11.78 -10.84 -17.17
C CYS A 534 -11.22 -9.43 -17.42
N ARG A 535 -11.80 -8.42 -16.77
CA ARG A 535 -11.39 -7.05 -17.02
C ARG A 535 -10.35 -6.47 -16.05
N SER A 536 -9.87 -7.30 -15.15
CA SER A 536 -8.82 -6.88 -14.22
C SER A 536 -7.56 -7.71 -14.36
N LEU A 537 -7.57 -8.62 -15.34
CA LEU A 537 -6.52 -9.63 -15.46
C LEU A 537 -5.23 -9.02 -16.00
N ILE A 538 -4.15 -9.14 -15.23
CA ILE A 538 -2.86 -8.57 -15.61
C ILE A 538 -1.69 -9.55 -15.45
N TRP A 539 -1.93 -10.68 -14.79
CA TRP A 539 -0.85 -11.63 -14.53
C TRP A 539 -1.38 -13.05 -14.65
N LEU A 540 -1.12 -13.70 -15.78
CA LEU A 540 -1.61 -15.06 -16.04
C LEU A 540 -0.46 -16.06 -16.13
N ASP A 541 -0.35 -16.94 -15.15
CA ASP A 541 0.73 -17.93 -15.15
C ASP A 541 0.24 -19.37 -15.13
N LEU A 542 0.21 -20.00 -16.30
CA LEU A 542 -0.32 -21.34 -16.46
C LEU A 542 0.79 -22.36 -16.76
N ASN A 543 2.03 -21.99 -16.46
CA ASN A 543 3.14 -22.82 -16.88
C ASN A 543 3.22 -24.21 -16.22
N THR A 544 3.77 -25.16 -16.96
CA THR A 544 4.02 -26.52 -16.48
C THR A 544 2.75 -27.24 -16.07
N ASN A 545 1.91 -27.49 -17.07
CA ASN A 545 0.67 -28.22 -16.90
C ASN A 545 0.46 -29.13 -18.08
N LEU A 546 -0.80 -29.42 -18.41
CA LEU A 546 -1.13 -30.26 -19.56
C LEU A 546 -2.24 -29.66 -20.42
N PHE A 547 -2.25 -28.34 -20.57
CA PHE A 547 -3.25 -27.70 -21.42
C PHE A 547 -2.97 -28.04 -22.90
N ASN A 548 -4.00 -27.99 -23.72
CA ASN A 548 -3.83 -28.19 -25.16
C ASN A 548 -4.85 -27.39 -25.98
N GLY A 549 -4.99 -27.74 -27.26
CA GLY A 549 -5.75 -26.93 -28.18
C GLY A 549 -4.94 -25.74 -28.65
N THR A 550 -5.61 -24.74 -29.22
CA THR A 550 -4.93 -23.57 -29.75
C THR A 550 -5.22 -22.32 -28.91
N ILE A 551 -4.21 -21.44 -28.79
CA ILE A 551 -4.38 -20.18 -28.07
C ILE A 551 -5.54 -19.37 -28.62
N PRO A 552 -6.63 -19.25 -27.86
CA PRO A 552 -7.81 -18.48 -28.28
C PRO A 552 -7.52 -16.99 -28.39
N ALA A 553 -7.71 -16.42 -29.59
CA ALA A 553 -7.54 -14.99 -29.83
C ALA A 553 -8.44 -14.16 -28.91
N ALA A 554 -9.53 -14.78 -28.46
CA ALA A 554 -10.54 -14.10 -27.67
C ALA A 554 -10.03 -13.68 -26.28
N MET A 555 -9.04 -14.41 -25.77
CA MET A 555 -8.49 -14.11 -24.44
C MET A 555 -7.79 -12.76 -24.36
N PHE A 556 -7.61 -12.10 -25.51
CA PHE A 556 -6.96 -10.80 -25.54
C PHE A 556 -7.94 -9.66 -25.80
N LYS A 557 -9.23 -10.00 -25.88
CA LYS A 557 -10.26 -9.02 -26.24
C LYS A 557 -10.31 -7.83 -25.29
N GLN A 558 -9.82 -8.01 -24.07
CA GLN A 558 -9.89 -6.95 -23.06
C GLN A 558 -8.75 -5.95 -23.15
N SER A 559 -7.68 -6.32 -23.87
CA SER A 559 -6.50 -5.46 -23.98
C SER A 559 -6.89 -4.02 -24.30
N GLY A 560 -6.31 -3.07 -23.56
CA GLY A 560 -6.63 -1.67 -23.70
C GLY A 560 -7.83 -1.22 -22.88
N LYS A 561 -8.51 -2.16 -22.24
CA LYS A 561 -9.64 -1.84 -21.38
C LYS A 561 -9.37 -2.20 -19.92
N ILE A 562 -8.23 -2.85 -19.66
CA ILE A 562 -7.93 -3.38 -18.33
C ILE A 562 -7.81 -2.30 -17.27
N ALA A 563 -8.53 -2.50 -16.17
CA ALA A 563 -8.42 -1.64 -15.01
C ALA A 563 -7.85 -2.45 -13.87
N ALA A 564 -6.91 -1.85 -13.14
CA ALA A 564 -6.38 -2.51 -11.96
C ALA A 564 -6.17 -1.47 -10.87
N ASN A 565 -6.92 -1.60 -9.79
CA ASN A 565 -6.81 -0.68 -8.67
C ASN A 565 -6.79 -1.43 -7.34
N PHE A 566 -7.63 -2.45 -7.23
CA PHE A 566 -7.73 -3.22 -5.99
C PHE A 566 -6.51 -4.09 -5.67
N ILE A 567 -5.76 -4.50 -6.70
CA ILE A 567 -4.63 -5.39 -6.49
C ILE A 567 -3.40 -4.70 -5.87
N ALA A 568 -3.31 -3.38 -6.02
CA ALA A 568 -2.15 -2.61 -5.57
C ALA A 568 -1.88 -2.62 -4.07
N GLY A 569 -0.61 -2.62 -3.70
CA GLY A 569 -0.20 -2.40 -2.33
C GLY A 569 0.03 -3.66 -1.53
N LYS A 570 0.07 -4.79 -2.21
CA LYS A 570 0.24 -6.07 -1.54
C LYS A 570 1.69 -6.58 -1.65
N ARG A 571 2.25 -7.00 -0.54
CA ARG A 571 3.63 -7.45 -0.53
C ARG A 571 3.81 -8.76 -1.29
N TYR A 572 4.84 -8.81 -2.14
CA TYR A 572 5.08 -9.99 -2.97
C TYR A 572 6.57 -10.26 -3.10
N VAL A 573 6.92 -11.47 -3.49
CA VAL A 573 8.24 -11.75 -4.00
C VAL A 573 8.08 -12.36 -5.39
N TYR A 574 8.99 -12.01 -6.30
CA TYR A 574 9.02 -12.60 -7.62
C TYR A 574 10.39 -13.25 -7.78
N ILE A 575 10.40 -14.56 -8.03
CA ILE A 575 11.65 -15.32 -8.05
C ILE A 575 11.97 -15.67 -9.48
N LYS A 576 12.95 -14.98 -10.05
CA LYS A 576 13.23 -15.11 -11.47
C LYS A 576 13.90 -16.42 -11.82
N ASN A 577 13.40 -17.07 -12.87
CA ASN A 577 14.03 -18.28 -13.37
C ASN A 577 15.29 -17.93 -14.17
N ASP A 578 16.42 -18.46 -13.71
CA ASP A 578 17.63 -18.48 -14.54
C ASP A 578 17.54 -19.74 -15.40
N GLY A 579 17.69 -19.59 -16.70
CA GLY A 579 17.54 -20.73 -17.60
C GLY A 579 18.62 -21.77 -17.44
N MET A 580 19.27 -21.78 -16.28
CA MET A 580 20.39 -22.68 -16.01
C MET A 580 19.94 -24.12 -15.78
N LYS A 581 18.93 -24.30 -14.95
CA LYS A 581 18.43 -25.64 -14.63
C LYS A 581 17.21 -25.97 -15.48
N LYS A 582 17.26 -27.09 -16.19
CA LYS A 582 16.20 -27.51 -17.10
C LYS A 582 14.94 -28.00 -16.40
N GLU A 583 15.07 -28.35 -15.12
CA GLU A 583 13.94 -28.83 -14.32
C GLU A 583 13.11 -27.69 -13.78
N CYS A 584 13.70 -26.49 -13.73
CA CYS A 584 13.00 -25.28 -13.30
C CYS A 584 12.29 -24.62 -14.48
N HIS A 585 10.99 -24.37 -14.34
CA HIS A 585 10.18 -23.87 -15.44
C HIS A 585 9.53 -22.49 -15.22
N GLY A 586 9.24 -21.82 -16.33
CA GLY A 586 8.57 -20.53 -16.35
C GLY A 586 9.49 -19.34 -16.26
N ALA A 587 8.97 -18.16 -16.61
CA ALA A 587 9.70 -16.93 -16.36
C ALA A 587 10.07 -16.75 -14.88
N GLY A 588 9.09 -16.84 -13.97
CA GLY A 588 9.39 -16.72 -12.54
C GLY A 588 8.16 -16.77 -11.65
N ASN A 589 8.36 -17.08 -10.37
CA ASN A 589 7.27 -17.24 -9.42
C ASN A 589 6.86 -15.95 -8.72
N LEU A 590 5.65 -15.48 -8.98
CA LEU A 590 5.06 -14.40 -8.20
C LEU A 590 4.31 -15.00 -7.01
N LEU A 591 4.77 -14.68 -5.79
CA LEU A 591 4.17 -15.23 -4.59
C LEU A 591 3.84 -14.13 -3.58
N GLU A 592 2.65 -14.20 -3.00
CA GLU A 592 2.28 -13.32 -1.89
C GLU A 592 3.34 -13.48 -0.80
N PHE A 593 3.70 -12.39 -0.14
CA PHE A 593 4.76 -12.48 0.86
C PHE A 593 4.57 -11.56 2.08
N GLN A 594 3.32 -11.24 2.41
CA GLN A 594 3.04 -10.49 3.65
C GLN A 594 3.48 -11.26 4.92
N GLY A 595 4.25 -10.59 5.77
CA GLY A 595 4.65 -11.16 7.05
C GLY A 595 5.59 -12.36 7.05
N ILE A 596 6.29 -12.58 5.95
CA ILE A 596 7.26 -13.67 5.87
C ILE A 596 8.67 -13.13 5.66
N ARG A 597 9.67 -13.80 6.24
CA ARG A 597 11.06 -13.43 6.05
C ARG A 597 11.62 -14.05 4.78
N SER A 598 12.33 -13.25 4.00
CA SER A 598 12.94 -13.78 2.79
C SER A 598 13.96 -14.84 3.16
N GLU A 599 14.56 -14.69 4.34
CA GLU A 599 15.56 -15.63 4.85
CA GLU A 599 15.58 -15.63 4.78
C GLU A 599 15.02 -17.04 4.84
N GLN A 600 13.69 -17.17 4.86
CA GLN A 600 13.05 -18.48 4.93
C GLN A 600 12.58 -19.01 3.57
N LEU A 601 12.89 -18.29 2.51
CA LEU A 601 12.62 -18.82 1.17
C LEU A 601 13.36 -20.13 0.96
N ASN A 602 14.52 -20.28 1.60
CA ASN A 602 15.27 -21.53 1.57
C ASN A 602 14.40 -22.75 1.88
N ARG A 603 13.24 -22.52 2.50
CA ARG A 603 12.33 -23.62 2.85
C ARG A 603 11.71 -24.26 1.63
N LEU A 604 11.80 -23.59 0.48
CA LEU A 604 11.19 -24.10 -0.74
C LEU A 604 12.06 -25.16 -1.41
N SER A 605 13.33 -25.18 -1.03
CA SER A 605 14.30 -26.07 -1.66
C SER A 605 13.76 -27.48 -1.89
N THR A 606 13.00 -27.98 -0.92
CA THR A 606 12.50 -29.36 -0.97
C THR A 606 11.25 -29.52 -1.85
N ARG A 607 10.73 -28.41 -2.36
CA ARG A 607 9.46 -28.44 -3.05
C ARG A 607 9.60 -27.89 -4.46
N ASN A 608 10.80 -27.40 -4.76
CA ASN A 608 11.05 -26.62 -5.96
C ASN A 608 12.43 -26.88 -6.51
N PRO A 609 12.54 -27.16 -7.80
CA PRO A 609 13.86 -27.48 -8.35
C PRO A 609 14.65 -26.23 -8.70
N CYS A 610 14.04 -25.07 -8.52
CA CYS A 610 14.65 -23.78 -8.83
C CYS A 610 15.62 -23.31 -7.74
N ASN A 611 16.79 -22.83 -8.14
CA ASN A 611 17.76 -22.28 -7.19
C ASN A 611 17.44 -20.82 -6.89
N SER A 614 17.88 -17.60 -5.94
CA SER A 614 19.03 -16.71 -5.98
C SER A 614 18.74 -15.36 -6.63
N ARG A 615 17.66 -15.28 -7.43
CA ARG A 615 17.27 -14.01 -8.04
C ARG A 615 15.87 -13.57 -7.60
N VAL A 616 15.80 -12.87 -6.47
CA VAL A 616 14.51 -12.54 -5.86
C VAL A 616 14.20 -11.06 -5.88
N TYR A 617 13.14 -10.70 -6.61
CA TYR A 617 12.61 -9.34 -6.59
C TYR A 617 11.48 -9.24 -5.57
N GLY A 618 11.53 -8.21 -4.73
CA GLY A 618 10.45 -7.95 -3.80
C GLY A 618 9.80 -6.59 -4.02
N GLY A 619 8.65 -6.39 -3.38
CA GLY A 619 8.00 -5.10 -3.37
C GLY A 619 6.54 -5.15 -2.98
N HIS A 620 5.80 -4.10 -3.36
CA HIS A 620 4.36 -4.07 -3.22
C HIS A 620 3.71 -3.89 -4.58
N THR A 621 2.70 -4.70 -4.88
CA THR A 621 2.12 -4.69 -6.20
C THR A 621 1.83 -3.28 -6.63
N SER A 622 2.25 -2.96 -7.84
CA SER A 622 2.07 -1.63 -8.38
C SER A 622 1.88 -1.73 -9.87
N PRO A 623 0.62 -1.85 -10.30
CA PRO A 623 0.29 -1.79 -11.72
C PRO A 623 0.96 -0.57 -12.37
N THR A 624 1.16 -0.63 -13.68
CA THR A 624 1.84 0.44 -14.39
C THR A 624 0.86 1.41 -15.03
N PHE A 625 -0.42 1.23 -14.71
CA PHE A 625 -1.52 2.08 -15.19
C PHE A 625 -2.63 1.93 -14.18
N ASP A 626 -3.63 2.80 -14.24
CA ASP A 626 -4.81 2.63 -13.39
C ASP A 626 -5.99 2.14 -14.22
N ASN A 627 -5.99 2.50 -15.49
CA ASN A 627 -7.03 2.09 -16.44
C ASN A 627 -6.45 1.96 -17.84
N ASN A 628 -7.25 1.43 -18.75
CA ASN A 628 -6.84 1.34 -20.15
C ASN A 628 -5.53 0.58 -20.30
N GLY A 629 -5.33 -0.40 -19.42
CA GLY A 629 -4.14 -1.21 -19.44
C GLY A 629 -4.35 -2.50 -20.20
N SER A 630 -3.40 -3.42 -20.04
CA SER A 630 -3.46 -4.71 -20.70
C SER A 630 -2.76 -5.68 -19.78
N MET A 631 -2.73 -6.95 -20.18
CA MET A 631 -1.93 -7.93 -19.48
C MET A 631 -0.49 -7.45 -19.33
N MET A 632 0.11 -7.73 -18.16
CA MET A 632 1.49 -7.38 -17.90
C MET A 632 2.38 -8.62 -17.91
N PHE A 633 1.76 -9.78 -17.77
CA PHE A 633 2.51 -11.01 -17.59
C PHE A 633 1.69 -12.14 -18.17
N LEU A 634 2.29 -12.94 -19.04
CA LEU A 634 1.61 -14.05 -19.67
C LEU A 634 2.60 -15.18 -19.90
N ASP A 635 2.47 -16.23 -19.08
CA ASP A 635 3.32 -17.41 -19.18
C ASP A 635 2.47 -18.68 -19.39
N MET A 636 2.66 -19.34 -20.52
CA MET A 636 1.95 -20.59 -20.78
C MET A 636 2.92 -21.69 -21.20
N SER A 637 4.20 -21.44 -20.95
CA SER A 637 5.26 -22.40 -21.23
C SER A 637 5.00 -23.80 -20.64
N TYR A 638 5.60 -24.81 -21.27
CA TYR A 638 5.61 -26.16 -20.74
C TYR A 638 4.21 -26.73 -20.66
N ASN A 639 3.56 -26.75 -21.81
CA ASN A 639 2.27 -27.37 -21.97
C ASN A 639 2.26 -28.09 -23.32
N MET A 640 1.07 -28.36 -23.86
CA MET A 640 0.95 -29.00 -25.17
C MET A 640 0.08 -28.20 -26.14
N LEU A 641 0.13 -26.88 -26.03
CA LEU A 641 -0.59 -25.98 -26.92
C LEU A 641 -0.13 -26.11 -28.38
N SER A 642 -1.07 -25.98 -29.32
CA SER A 642 -0.78 -26.13 -30.73
C SER A 642 -1.40 -25.01 -31.56
N GLY A 643 -1.30 -25.11 -32.88
CA GLY A 643 -1.79 -24.09 -33.79
C GLY A 643 -0.88 -22.88 -33.84
N TYR A 644 -1.38 -21.78 -34.38
CA TYR A 644 -0.59 -20.57 -34.58
C TYR A 644 -0.93 -19.49 -33.56
N ILE A 645 0.06 -18.68 -33.21
CA ILE A 645 -0.15 -17.53 -32.35
C ILE A 645 -1.03 -16.50 -33.04
N PRO A 646 -2.17 -16.16 -32.43
CA PRO A 646 -3.08 -15.15 -32.97
C PRO A 646 -2.41 -13.78 -32.97
N LYS A 647 -2.74 -12.96 -33.96
CA LYS A 647 -2.11 -11.66 -34.14
C LYS A 647 -2.55 -10.69 -33.05
N GLU A 648 -3.63 -11.02 -32.36
CA GLU A 648 -4.07 -10.21 -31.21
C GLU A 648 -3.04 -10.26 -30.07
N ILE A 649 -2.19 -11.27 -30.09
CA ILE A 649 -1.08 -11.36 -29.15
C ILE A 649 -0.33 -10.03 -29.06
N GLY A 650 -0.32 -9.27 -30.14
CA GLY A 650 0.44 -8.04 -30.18
C GLY A 650 -0.28 -6.84 -29.61
N SER A 651 -1.44 -7.09 -29.00
CA SER A 651 -2.35 -6.00 -28.66
C SER A 651 -2.24 -5.55 -27.22
N MET A 652 -1.17 -5.95 -26.53
CA MET A 652 -1.02 -5.67 -25.12
C MET A 652 0.23 -4.85 -24.82
N PRO A 653 0.12 -3.50 -24.90
CA PRO A 653 1.24 -2.57 -24.75
C PRO A 653 1.90 -2.53 -23.37
N TYR A 654 1.23 -3.06 -22.35
CA TYR A 654 1.86 -3.08 -21.02
C TYR A 654 2.51 -4.42 -20.67
N LEU A 655 2.49 -5.37 -21.60
CA LEU A 655 3.10 -6.67 -21.40
C LEU A 655 4.63 -6.57 -21.25
N PHE A 656 5.12 -6.98 -20.09
CA PHE A 656 6.54 -6.98 -19.80
C PHE A 656 7.11 -8.32 -20.18
N ILE A 657 6.33 -9.38 -19.98
CA ILE A 657 6.83 -10.75 -20.13
C ILE A 657 5.92 -11.62 -20.96
N LEU A 658 6.52 -12.38 -21.88
CA LEU A 658 5.77 -13.32 -22.71
C LEU A 658 6.50 -14.65 -22.86
N ASN A 659 5.99 -15.67 -22.20
CA ASN A 659 6.60 -17.00 -22.27
C ASN A 659 5.60 -17.96 -22.88
N LEU A 660 5.93 -18.48 -24.06
CA LEU A 660 5.10 -19.49 -24.72
C LEU A 660 5.93 -20.71 -25.08
N GLY A 661 7.04 -20.88 -24.38
CA GLY A 661 8.02 -21.89 -24.72
C GLY A 661 7.62 -23.30 -24.38
N HIS A 662 8.30 -24.27 -24.98
CA HIS A 662 8.00 -25.66 -24.76
C HIS A 662 6.52 -25.99 -24.94
N ASN A 663 6.06 -25.82 -26.16
CA ASN A 663 4.75 -26.29 -26.57
C ASN A 663 4.84 -26.94 -27.94
N ASP A 664 3.73 -26.94 -28.66
CA ASP A 664 3.73 -27.47 -30.02
C ASP A 664 3.17 -26.42 -30.99
N ILE A 665 3.35 -25.16 -30.60
CA ILE A 665 2.92 -24.04 -31.43
C ILE A 665 3.62 -24.02 -32.80
N SER A 666 2.83 -23.85 -33.84
CA SER A 666 3.32 -23.85 -35.21
C SER A 666 2.98 -22.56 -35.95
N GLY A 667 3.16 -22.57 -37.27
CA GLY A 667 2.96 -21.37 -38.07
C GLY A 667 4.09 -20.39 -37.83
N SER A 668 3.87 -19.13 -38.18
CA SER A 668 4.93 -18.14 -38.11
C SER A 668 4.66 -17.07 -37.05
N ILE A 669 5.73 -16.52 -36.52
CA ILE A 669 5.63 -15.46 -35.52
C ILE A 669 4.91 -14.29 -36.16
N PRO A 670 3.74 -13.93 -35.61
CA PRO A 670 3.00 -12.76 -36.10
C PRO A 670 3.85 -11.50 -36.05
N ASP A 671 3.62 -10.61 -37.01
CA ASP A 671 4.38 -9.39 -37.11
C ASP A 671 3.91 -8.40 -36.06
N GLU A 672 2.84 -8.75 -35.36
CA GLU A 672 2.26 -7.89 -34.33
C GLU A 672 3.06 -7.89 -33.01
N VAL A 673 3.85 -8.93 -32.79
CA VAL A 673 4.78 -8.96 -31.68
C VAL A 673 5.57 -7.66 -31.62
N GLY A 674 5.86 -7.08 -32.78
CA GLY A 674 6.59 -5.82 -32.86
C GLY A 674 5.86 -4.64 -32.26
N ASP A 675 4.56 -4.81 -31.99
CA ASP A 675 3.76 -3.76 -31.34
C ASP A 675 3.88 -3.78 -29.81
N LEU A 676 4.44 -4.86 -29.27
CA LEU A 676 4.54 -5.07 -27.83
C LEU A 676 5.65 -4.23 -27.22
N ARG A 677 5.44 -2.92 -27.14
CA ARG A 677 6.55 -2.00 -26.96
C ARG A 677 7.19 -2.06 -25.58
N GLY A 678 6.46 -2.58 -24.61
CA GLY A 678 6.97 -2.66 -23.25
C GLY A 678 7.68 -3.97 -22.95
N LEU A 679 7.67 -4.88 -23.93
CA LEU A 679 8.21 -6.21 -23.75
C LEU A 679 9.68 -6.25 -23.29
N ASN A 680 9.94 -6.94 -22.19
CA ASN A 680 11.30 -7.14 -21.70
C ASN A 680 11.78 -8.54 -22.03
N ILE A 681 10.89 -9.52 -21.97
CA ILE A 681 11.28 -10.90 -22.21
C ILE A 681 10.34 -11.58 -23.19
N LEU A 682 10.91 -12.38 -24.08
CA LEU A 682 10.16 -13.09 -25.10
C LEU A 682 10.76 -14.48 -25.29
N ASP A 683 10.06 -15.50 -24.78
CA ASP A 683 10.48 -16.89 -24.95
C ASP A 683 9.48 -17.63 -25.83
N LEU A 684 9.93 -18.10 -26.98
CA LEU A 684 9.09 -18.89 -27.87
C LEU A 684 9.82 -20.17 -28.21
N SER A 685 10.82 -20.50 -27.40
CA SER A 685 11.69 -21.64 -27.67
C SER A 685 10.97 -22.98 -27.65
N SER A 686 11.63 -23.99 -28.21
CA SER A 686 11.10 -25.36 -28.27
C SER A 686 9.65 -25.40 -28.70
N ASN A 687 9.40 -24.99 -29.95
CA ASN A 687 8.10 -25.12 -30.57
C ASN A 687 8.26 -25.65 -31.97
N LYS A 688 7.38 -25.23 -32.88
CA LYS A 688 7.42 -25.65 -34.28
C LYS A 688 7.20 -24.46 -35.22
N LEU A 689 7.35 -23.27 -34.66
CA LEU A 689 7.23 -22.04 -35.43
C LEU A 689 8.16 -22.08 -36.64
N ASP A 690 7.67 -21.58 -37.77
CA ASP A 690 8.48 -21.49 -38.97
C ASP A 690 8.37 -20.13 -39.65
N GLY A 691 8.97 -20.00 -40.83
CA GLY A 691 8.99 -18.74 -41.55
C GLY A 691 10.04 -17.79 -41.01
N ARG A 692 9.89 -16.50 -41.30
CA ARG A 692 10.90 -15.51 -40.92
C ARG A 692 10.55 -14.75 -39.63
N ILE A 693 11.57 -14.46 -38.84
CA ILE A 693 11.44 -13.48 -37.78
C ILE A 693 11.04 -12.17 -38.43
N PRO A 694 9.84 -11.67 -38.13
CA PRO A 694 9.38 -10.40 -38.72
C PRO A 694 10.29 -9.20 -38.38
N GLN A 695 10.63 -8.44 -39.41
CA GLN A 695 11.45 -7.24 -39.28
C GLN A 695 10.83 -6.26 -38.28
N ALA A 696 9.51 -6.31 -38.16
CA ALA A 696 8.77 -5.44 -37.24
C ALA A 696 9.33 -5.55 -35.82
N MET A 697 9.86 -6.72 -35.48
CA MET A 697 10.39 -6.93 -34.15
C MET A 697 11.62 -6.11 -33.88
N SER A 698 12.11 -5.42 -34.91
CA SER A 698 13.30 -4.59 -34.77
C SER A 698 12.95 -3.29 -34.05
N ALA A 699 11.65 -3.04 -33.93
CA ALA A 699 11.17 -1.84 -33.25
C ALA A 699 11.14 -1.99 -31.71
N LEU A 700 11.10 -3.23 -31.22
CA LEU A 700 11.23 -3.49 -29.78
C LEU A 700 12.54 -2.91 -29.24
N THR A 701 12.45 -2.08 -28.20
CA THR A 701 13.62 -1.40 -27.65
C THR A 701 13.97 -1.81 -26.22
N MET A 702 13.06 -2.54 -25.57
CA MET A 702 13.22 -2.85 -24.15
CA MET A 702 13.20 -2.85 -24.14
C MET A 702 13.49 -4.32 -23.86
N LEU A 703 13.62 -5.12 -24.91
CA LEU A 703 14.00 -6.52 -24.75
C LEU A 703 15.30 -6.68 -23.93
N THR A 704 15.22 -7.38 -22.81
CA THR A 704 16.41 -7.75 -22.05
C THR A 704 16.69 -9.24 -22.24
N GLU A 705 15.75 -9.95 -22.86
CA GLU A 705 15.92 -11.38 -23.05
C GLU A 705 14.99 -11.93 -24.13
N ILE A 706 15.54 -12.74 -25.02
CA ILE A 706 14.78 -13.37 -26.07
C ILE A 706 15.23 -14.82 -26.15
N ASP A 707 14.37 -15.69 -26.67
CA ASP A 707 14.74 -17.07 -26.95
C ASP A 707 13.85 -17.64 -28.06
N LEU A 708 14.47 -17.97 -29.20
CA LEU A 708 13.72 -18.48 -30.34
C LEU A 708 14.29 -19.83 -30.75
N SER A 709 15.11 -20.39 -29.88
CA SER A 709 15.82 -21.64 -30.17
C SER A 709 14.87 -22.83 -30.26
N ASN A 710 15.32 -23.89 -30.92
CA ASN A 710 14.52 -25.10 -31.12
C ASN A 710 13.16 -24.86 -31.79
N ASN A 711 13.19 -24.19 -32.93
CA ASN A 711 12.02 -24.10 -33.79
C ASN A 711 12.37 -24.53 -35.21
N ASN A 712 11.57 -24.13 -36.18
CA ASN A 712 11.93 -24.34 -37.57
C ASN A 712 12.02 -23.02 -38.33
N LEU A 713 12.34 -21.96 -37.60
CA LEU A 713 12.50 -20.63 -38.21
C LEU A 713 13.56 -20.64 -39.30
N SER A 714 13.47 -19.70 -40.23
CA SER A 714 14.43 -19.64 -41.33
C SER A 714 14.65 -18.24 -41.82
N GLY A 715 15.69 -18.10 -42.64
CA GLY A 715 16.04 -16.82 -43.23
C GLY A 715 16.95 -16.02 -42.32
N PRO A 716 17.10 -14.73 -42.63
CA PRO A 716 18.04 -13.88 -41.93
C PRO A 716 17.46 -13.33 -40.64
N ILE A 717 18.30 -13.31 -39.61
CA ILE A 717 17.98 -12.61 -38.40
C ILE A 717 18.01 -11.08 -38.64
N PRO A 718 16.97 -10.36 -38.18
CA PRO A 718 16.91 -8.90 -38.32
C PRO A 718 18.18 -8.23 -37.78
N GLU A 719 18.76 -7.33 -38.57
CA GLU A 719 20.01 -6.70 -38.18
C GLU A 719 19.78 -5.43 -37.38
N MET A 720 18.60 -4.81 -37.54
CA MET A 720 18.28 -3.63 -36.74
C MET A 720 17.63 -4.04 -35.43
N GLY A 721 17.45 -3.08 -34.54
CA GLY A 721 16.86 -3.39 -33.25
C GLY A 721 17.87 -4.03 -32.32
N GLN A 722 17.46 -5.08 -31.63
CA GLN A 722 18.22 -5.60 -30.51
C GLN A 722 18.80 -6.98 -30.71
N PHE A 723 18.49 -7.61 -31.83
CA PHE A 723 18.96 -8.97 -32.10
C PHE A 723 20.48 -9.19 -32.04
N GLU A 724 21.26 -8.23 -32.53
CA GLU A 724 22.71 -8.34 -32.52
C GLU A 724 23.24 -8.49 -31.08
N THR A 725 22.38 -8.16 -30.13
CA THR A 725 22.71 -8.06 -28.72
C THR A 725 22.70 -9.42 -28.03
N PHE A 726 21.92 -10.36 -28.58
CA PHE A 726 21.73 -11.65 -27.94
C PHE A 726 22.67 -12.71 -28.49
N PRO A 727 23.11 -13.62 -27.61
CA PRO A 727 24.07 -14.63 -28.01
C PRO A 727 23.43 -15.68 -28.92
N PRO A 728 24.27 -16.41 -29.66
CA PRO A 728 23.83 -17.43 -30.63
C PRO A 728 22.89 -18.45 -29.99
N ALA A 729 23.17 -18.83 -28.74
CA ALA A 729 22.36 -19.82 -28.03
C ALA A 729 20.87 -19.54 -28.19
N LYS A 730 20.52 -18.26 -28.23
CA LYS A 730 19.12 -17.85 -28.29
C LYS A 730 18.46 -18.14 -29.63
N PHE A 731 19.22 -18.69 -30.58
CA PHE A 731 18.71 -18.91 -31.92
C PHE A 731 19.07 -20.30 -32.41
N LEU A 732 19.72 -21.10 -31.57
CA LEU A 732 20.19 -22.43 -31.97
C LEU A 732 19.05 -23.36 -32.37
N ASN A 733 19.40 -24.40 -33.12
CA ASN A 733 18.43 -25.38 -33.57
C ASN A 733 17.32 -24.79 -34.44
N ASN A 734 17.72 -23.89 -35.33
CA ASN A 734 16.86 -23.39 -36.41
C ASN A 734 17.64 -23.49 -37.72
N PRO A 735 17.59 -24.66 -38.36
CA PRO A 735 18.31 -25.05 -39.58
C PRO A 735 18.43 -23.96 -40.65
N GLY A 736 17.31 -23.42 -41.10
CA GLY A 736 17.34 -22.40 -42.14
C GLY A 736 17.65 -21.00 -41.67
N LEU A 737 18.00 -20.84 -40.39
CA LEU A 737 18.21 -19.53 -39.83
C LEU A 737 19.70 -19.16 -39.94
N CYS A 738 19.98 -17.93 -40.32
CA CYS A 738 21.36 -17.48 -40.47
C CYS A 738 21.44 -15.98 -40.21
N GLY A 739 22.67 -15.46 -40.23
CA GLY A 739 22.91 -14.05 -39.96
C GLY A 739 23.29 -13.84 -38.51
N TYR A 740 24.28 -12.97 -38.28
CA TYR A 740 24.77 -12.64 -36.94
C TYR A 740 23.63 -12.45 -35.93
N PRO A 741 23.76 -13.02 -34.72
CA PRO A 741 24.94 -13.69 -34.14
C PRO A 741 25.23 -15.07 -34.72
N LEU A 742 24.40 -15.55 -35.65
CA LEU A 742 24.69 -16.80 -36.34
C LEU A 742 25.65 -16.56 -37.52
N PRO A 743 26.14 -17.64 -38.13
CA PRO A 743 26.96 -17.54 -39.36
C PRO A 743 26.22 -16.77 -40.46
N ARG A 744 26.93 -15.93 -41.20
CA ARG A 744 26.31 -15.20 -42.31
C ARG A 744 25.54 -16.12 -43.25
N CYS A 745 24.48 -15.58 -43.86
CA CYS A 745 23.63 -16.35 -44.76
C CYS A 745 24.36 -16.79 -46.03
N ASP A 746 24.13 -18.03 -46.45
CA ASP A 746 24.75 -18.58 -47.66
C ASP A 746 24.25 -17.89 -48.92
C1 NAG B . -5.67 20.65 6.99
C2 NAG B . -6.05 19.98 8.31
C3 NAG B . -5.81 18.48 8.26
C4 NAG B . -6.45 17.84 7.02
C5 NAG B . -6.08 18.67 5.79
C6 NAG B . -6.73 18.15 4.51
C7 NAG B . -5.84 21.05 10.50
C8 NAG B . -4.92 21.67 11.51
N2 NAG B . -5.28 20.54 9.40
O3 NAG B . -6.33 17.89 9.45
O4 NAG B . -5.97 16.52 6.90
O5 NAG B . -6.42 20.04 5.95
O6 NAG B . -8.13 18.05 4.66
O7 NAG B . -7.06 21.04 10.70
C1 NAG B . -7.01 15.51 6.78
C2 NAG B . -6.40 14.11 6.74
C3 NAG B . -7.50 13.09 6.43
C4 NAG B . -8.56 13.17 7.51
C5 NAG B . -9.02 14.61 7.70
C6 NAG B . -9.90 14.75 8.93
C7 NAG B . -5.17 14.44 4.63
C8 NAG B . -6.39 14.48 3.77
N2 NAG B . -5.26 13.92 5.85
O3 NAG B . -6.97 11.79 6.33
O4 NAG B . -9.63 12.33 7.13
O5 NAG B . -7.94 15.54 7.83
O6 NAG B . -9.96 16.11 9.29
O7 NAG B . -4.10 14.88 4.23
C1 BMA B . -9.86 11.27 8.10
C2 BMA B . -11.36 11.09 8.25
C3 BMA B . -11.75 9.88 9.12
C4 BMA B . -10.90 8.65 8.80
C5 BMA B . -9.42 9.03 8.77
C6 BMA B . -8.57 7.80 8.47
O2 BMA B . -11.95 10.95 6.95
O3 BMA B . -13.13 9.56 8.89
O4 BMA B . -11.12 7.66 9.82
O5 BMA B . -9.23 10.04 7.77
O6 BMA B . -7.18 8.12 8.60
C1 MAN B . -13.89 9.91 10.06
C2 MAN B . -14.94 8.83 10.32
C3 MAN B . -15.87 8.75 9.11
C4 MAN B . -16.42 10.12 8.76
C5 MAN B . -15.32 11.18 8.70
C6 MAN B . -15.91 12.56 8.51
O2 MAN B . -15.68 9.13 11.47
O3 MAN B . -16.94 7.88 9.41
O4 MAN B . -17.07 10.06 7.50
O5 MAN B . -14.56 11.15 9.89
O6 MAN B . -14.87 13.51 8.40
C1 NAG C . 4.42 8.02 13.96
C2 NAG C . 2.97 7.93 13.47
C3 NAG C . 2.85 7.07 12.21
C4 NAG C . 3.84 7.49 11.14
C5 NAG C . 5.23 7.53 11.76
C6 NAG C . 6.34 7.95 10.79
C7 NAG C . 1.05 8.14 14.95
C8 NAG C . -0.05 7.41 15.67
N2 NAG C . 2.09 7.43 14.50
O3 NAG C . 1.53 7.11 11.72
O4 NAG C . 3.78 6.57 10.07
O5 NAG C . 5.24 8.41 12.86
O6 NAG C . 6.15 9.26 10.30
O7 NAG C . 0.94 9.36 14.79
C1 NAG C . 3.77 7.25 8.79
C2 NAG C . 4.17 6.28 7.69
C3 NAG C . 4.16 6.91 6.31
C4 NAG C . 3.03 7.91 6.09
C5 NAG C . 2.70 8.71 7.35
C6 NAG C . 1.45 9.57 7.16
C7 NAG C . 5.66 4.50 8.42
C8 NAG C . 7.08 4.03 8.50
N2 NAG C . 5.49 5.73 7.93
O3 NAG C . 4.07 5.89 5.33
O4 NAG C . 3.42 8.81 5.08
O5 NAG C . 2.55 7.84 8.45
O6 NAG C . 1.47 10.69 8.02
O7 NAG C . 4.73 3.78 8.80
C1 BMA C . 2.85 8.48 3.79
C2 BMA C . 3.14 9.63 2.84
C3 BMA C . 2.50 9.39 1.47
C4 BMA C . 2.72 7.95 0.96
C5 BMA C . 2.51 6.93 2.08
C6 BMA C . 2.73 5.48 1.62
O2 BMA C . 4.55 9.82 2.71
O3 BMA C . 2.98 10.37 0.52
O4 BMA C . 1.74 7.67 -0.06
O5 BMA C . 3.32 7.26 3.21
O6 BMA C . 3.99 5.33 0.96
C1 MAN C . 2.05 11.47 0.47
C2 MAN C . 2.14 12.18 -0.89
C3 MAN C . 3.44 12.98 -0.98
C4 MAN C . 3.55 13.92 0.21
C5 MAN C . 3.42 13.14 1.52
C6 MAN C . 3.47 14.10 2.71
O2 MAN C . 0.99 12.99 -1.10
O3 MAN C . 3.48 13.75 -2.17
O4 MAN C . 4.76 14.64 0.19
O5 MAN C . 2.20 12.42 1.52
O6 MAN C . 3.69 13.38 3.91
C1 NAG D . 6.42 -29.50 -9.44
C2 NAG D . 7.95 -29.34 -9.57
C3 NAG D . 8.71 -30.59 -9.16
C4 NAG D . 8.29 -30.99 -7.75
C5 NAG D . 6.80 -31.29 -7.80
C6 NAG D . 6.36 -31.57 -6.37
C7 NAG D . 8.78 -27.78 -11.25
C8 NAG D . 8.91 -27.48 -12.72
N2 NAG D . 8.28 -28.97 -10.94
O3 NAG D . 10.12 -30.40 -9.22
O4 NAG D . 8.95 -32.16 -7.33
O5 NAG D . 6.03 -30.21 -8.28
O6 NAG D . 7.10 -30.71 -5.54
O7 NAG D . 9.11 -26.96 -10.40
C1 NAG D . 9.82 -31.99 -6.18
C2 NAG D . 10.15 -33.41 -5.68
C3 NAG D . 11.15 -33.42 -4.53
C4 NAG D . 12.32 -32.48 -4.80
C5 NAG D . 11.84 -31.13 -5.32
C6 NAG D . 13.01 -30.20 -5.63
C7 NAG D . 8.28 -34.87 -6.20
C8 NAG D . 6.79 -34.93 -6.02
N2 NAG D . 8.96 -34.15 -5.31
O3 NAG D . 11.62 -34.73 -4.36
O4 NAG D . 13.07 -32.34 -3.61
O5 NAG D . 11.00 -31.26 -6.45
O6 NAG D . 13.82 -30.72 -6.66
O7 NAG D . 8.82 -35.45 -7.15
C1 BMA D . 14.06 -33.39 -3.51
C2 BMA D . 15.41 -32.78 -3.16
C3 BMA D . 16.48 -33.83 -2.88
C4 BMA D . 15.96 -34.99 -2.06
C5 BMA D . 14.61 -35.49 -2.56
C6 BMA D . 14.08 -36.62 -1.66
O2 BMA D . 15.27 -31.95 -2.00
O3 BMA D . 17.56 -33.20 -2.17
O4 BMA D . 16.90 -36.07 -2.12
O5 BMA D . 13.69 -34.40 -2.56
O6 BMA D . 12.82 -37.12 -2.12
C1 MAN D . 18.50 -32.65 -3.10
C2 MAN D . 19.90 -33.14 -2.75
C3 MAN D . 20.32 -32.64 -1.38
C4 MAN D . 20.07 -31.13 -1.25
C5 MAN D . 18.70 -30.74 -1.78
C6 MAN D . 18.53 -29.22 -1.83
O2 MAN D . 20.84 -32.72 -3.72
O3 MAN D . 21.68 -32.91 -1.15
O4 MAN D . 20.18 -30.74 0.10
O5 MAN D . 18.50 -31.24 -3.09
O6 MAN D . 17.37 -28.91 -2.56
C1 NAG E . -5.10 27.78 -13.36
C2 NAG E . -3.99 28.25 -14.31
C3 NAG E . -4.55 28.62 -15.69
C4 NAG E . -5.39 27.48 -16.23
C5 NAG E . -6.39 26.97 -15.20
C6 NAG E . -7.10 25.72 -15.72
C7 NAG E . -1.98 29.15 -13.30
C8 NAG E . -1.38 30.27 -12.50
N2 NAG E . -3.24 29.34 -13.73
O3 NAG E . -3.51 28.94 -16.60
O4 NAG E . -6.08 27.90 -17.39
O5 NAG E . -5.76 26.68 -13.96
O6 NAG E . -6.17 24.83 -16.28
O7 NAG E . -1.35 28.12 -13.53
C1 NAG F . 18.55 17.85 3.31
C2 NAG F . 18.68 17.88 1.78
C3 NAG F . 20.09 18.09 1.24
C4 NAG F . 20.92 19.03 2.10
C5 NAG F . 20.80 18.63 3.56
C6 NAG F . 21.63 19.56 4.45
C7 NAG F . 17.07 16.55 0.55
C8 NAG F . 16.48 15.17 0.38
N2 NAG F . 18.18 16.62 1.26
O3 NAG F . 20.01 18.64 -0.06
O4 NAG F . 22.26 19.00 1.64
O5 NAG F . 19.46 18.72 3.97
O6 NAG F . 21.11 20.87 4.34
O7 NAG F . 16.53 17.53 0.03
C1 NAG G . 18.45 -12.95 19.14
C2 NAG G . 19.96 -12.99 18.88
C3 NAG G . 20.58 -14.38 19.01
C4 NAG G . 20.03 -15.12 20.23
C5 NAG G . 18.51 -15.12 20.14
C6 NAG G . 17.87 -15.98 21.22
C7 NAG G . 21.19 -11.52 17.38
C8 NAG G . 21.78 -11.43 16.00
N2 NAG G . 20.26 -12.45 17.58
O3 NAG G . 21.98 -14.27 19.10
O4 NAG G . 20.53 -16.44 20.26
O5 NAG G . 18.05 -13.79 20.21
O6 NAG G . 18.30 -15.58 22.51
O7 NAG G . 21.57 -10.75 18.27
C01 BLD H . 12.43 -6.12 -16.33
C02 BLD H . 13.83 -6.00 -16.97
O02 BLD H . 14.08 -4.63 -17.14
C03 BLD H . 14.89 -6.70 -16.19
O03 BLD H . 15.24 -5.95 -15.03
C04 BLD H . 14.47 -8.09 -15.86
C05 BLD H . 13.21 -8.12 -14.97
C06 BLD H . 12.87 -9.60 -14.80
O06 BLD H . 14.04 -10.35 -14.93
C07 BLD H . 11.92 -8.85 -12.85
O07 BLD H . 12.31 -9.91 -13.60
C08 BLD H . 10.58 -8.19 -13.43
C09 BLD H . 10.85 -7.07 -14.37
C10 BLD H . 12.07 -7.31 -15.51
C11 BLD H . 9.64 -6.57 -15.00
C12 BLD H . 8.73 -6.02 -13.96
C13 BLD H . 8.49 -7.01 -12.85
C14 BLD H . 9.71 -7.61 -12.34
C15 BLD H . 9.23 -8.62 -11.36
C16 BLD H . 8.12 -7.87 -10.65
C17 BLD H . 7.80 -6.67 -11.54
C18 BLD H . 7.60 -8.07 -13.46
C19 BLD H . 11.58 -8.27 -16.49
C20 BLD H . 6.36 -6.41 -11.61
C21 BLD H . 5.89 -5.46 -12.71
C22 BLD H . 5.96 -5.70 -10.30
O22 BLD H . 6.59 -4.49 -10.24
C23 BLD H . 4.46 -5.46 -10.11
O23 BLD H . 4.15 -4.78 -8.93
C24 BLD H . 3.62 -6.75 -10.14
C25 BLD H . 2.15 -6.46 -9.92
C26 BLD H . 1.66 -5.39 -10.85
C27 BLD H . 1.26 -7.72 -9.91
C28 BLD H . 4.06 -7.78 -9.13
#